data_8YE0
#
_entry.id   8YE0
#
_cell.length_a   45.681
_cell.length_b   69.344
_cell.length_c   86.426
_cell.angle_alpha   109.115
_cell.angle_beta   93.102
_cell.angle_gamma   104.888
#
_symmetry.space_group_name_H-M   'P 1'
#
loop_
_entity.id
_entity.type
_entity.pdbx_description
1 polymer 'LynF/TruF/PatF family peptide O-prenyltransferase'
2 non-polymer 'TRIHYDROGEN THIODIPHOSPHATE'
3 non-polymer 'MAGNESIUM ION'
4 non-polymer 2-[BIS-(2-HYDROXY-ETHYL)-AMINO]-2-HYDROXYMETHYL-PROPANE-1,3-DIOL
5 water water
#
_entity_poly.entity_id   1
_entity_poly.type   'polypeptide(L)'
_entity_poly.pdbx_seq_one_letter_code
;MINYANAQLHKSKNLMYMKAHENIFEIEALYPLELFERFMQSQTDCSIDCACKIDGDELYPARFSLALYNNQYAEKQIRE
TIDFFHQVEGRTEVKLNYQQLQHFLGADFDFSKVIRNLVGVDARRELADSRVKLYIWMNDYPEKMATAMAWCDDKKELST
LIVNQEFLVGFDFYFDGRTAIELYISLSSEEFQQTQVWERLAKVVCAPALRLVNDCQAIQIGVSRANDSKIMYYHTLNPN
SFIDNLGNEMASRVHAYYRHQPVRSLVVCIPEQELTARSIQRLNMYYCMN
;
_entity_poly.pdbx_strand_id   A,B,C,D
#
# COMPACT_ATOMS: atom_id res chain seq x y z
N ASN A 3 -21.90 30.00 7.20
CA ASN A 3 -22.44 30.85 8.26
C ASN A 3 -22.61 32.27 7.78
N TYR A 4 -21.51 32.91 7.39
CA TYR A 4 -21.53 34.30 7.02
C TYR A 4 -22.11 34.49 5.63
N ALA A 5 -22.86 35.58 5.46
CA ALA A 5 -23.55 35.83 4.20
C ALA A 5 -22.57 35.98 3.04
N ASN A 6 -21.45 36.65 3.29
CA ASN A 6 -20.43 36.87 2.27
C ASN A 6 -19.49 35.68 2.27
N ALA A 7 -19.90 34.64 1.53
CA ALA A 7 -19.13 33.40 1.48
C ALA A 7 -17.73 33.64 0.95
N GLN A 8 -17.59 34.50 -0.06
CA GLN A 8 -16.28 34.71 -0.67
C GLN A 8 -15.35 35.46 0.26
N LEU A 9 -15.87 36.43 1.01
CA LEU A 9 -15.05 37.07 2.05
C LEU A 9 -14.58 36.05 3.08
N HIS A 10 -15.47 35.17 3.52
CA HIS A 10 -15.12 34.22 4.56
C HIS A 10 -14.04 33.23 4.09
N LYS A 11 -14.14 32.78 2.84
CA LYS A 11 -13.13 31.88 2.29
C LYS A 11 -11.76 32.56 2.20
N SER A 12 -11.75 33.83 1.82
CA SER A 12 -10.50 34.59 1.81
C SER A 12 -9.87 34.61 3.19
N LYS A 13 -10.69 34.74 4.24
CA LYS A 13 -10.15 34.73 5.60
C LYS A 13 -9.67 33.34 5.99
N ASN A 14 -10.39 32.30 5.56
CA ASN A 14 -9.94 30.93 5.78
C ASN A 14 -8.55 30.70 5.22
N LEU A 15 -8.36 31.00 3.94
CA LEU A 15 -7.05 30.82 3.33
C LEU A 15 -5.99 31.67 4.01
N MET A 16 -6.36 32.89 4.42
CA MET A 16 -5.41 33.75 5.12
C MET A 16 -5.02 33.15 6.48
N TYR A 17 -5.97 32.51 7.16
CA TYR A 17 -5.63 31.83 8.41
C TYR A 17 -4.70 30.66 8.15
N MET A 18 -4.96 29.87 7.10
CA MET A 18 -4.10 28.74 6.80
C MET A 18 -2.70 29.20 6.39
N LYS A 19 -2.63 30.21 5.52
CA LYS A 19 -1.33 30.69 5.06
C LYS A 19 -0.50 31.26 6.20
N ALA A 20 -1.12 32.04 7.07
CA ALA A 20 -0.43 32.46 8.28
C ALA A 20 0.20 31.27 8.97
N HIS A 21 -0.63 30.30 9.38
CA HIS A 21 -0.14 29.12 10.08
C HIS A 21 1.04 28.47 9.36
N GLU A 22 0.90 28.28 8.05
CA GLU A 22 1.99 27.68 7.28
C GLU A 22 3.24 28.56 7.30
N ASN A 23 3.05 29.88 7.33
CA ASN A 23 4.20 30.79 7.28
C ASN A 23 4.93 30.86 8.62
N ILE A 24 4.21 31.03 9.74
CA ILE A 24 4.91 31.06 11.03
C ILE A 24 5.70 29.77 11.25
N PHE A 25 5.17 28.61 10.84
CA PHE A 25 5.87 27.36 11.12
C PHE A 25 6.75 26.87 9.97
N GLU A 26 6.77 27.60 8.85
CA GLU A 26 7.67 27.32 7.71
C GLU A 26 7.48 25.92 7.14
N ILE A 27 6.21 25.56 6.95
CA ILE A 27 5.76 24.26 6.47
C ILE A 27 5.03 24.35 5.14
N GLU A 28 4.98 25.54 4.54
CA GLU A 28 4.13 25.76 3.37
C GLU A 28 4.47 24.83 2.21
N ALA A 29 5.73 24.41 2.08
CA ALA A 29 6.13 23.59 0.94
C ALA A 29 5.74 22.13 1.08
N LEU A 30 5.24 21.70 2.23
CA LEU A 30 4.92 20.30 2.42
C LEU A 30 3.76 19.85 1.53
N TYR A 31 3.93 18.70 0.90
CA TYR A 31 2.87 18.04 0.14
C TYR A 31 1.89 17.36 1.11
N PRO A 32 0.57 17.48 0.88
CA PRO A 32 -0.11 18.14 -0.23
C PRO A 32 -0.85 19.41 0.18
N LEU A 33 -0.16 20.34 0.82
CA LEU A 33 -0.84 21.50 1.39
C LEU A 33 -1.44 22.39 0.32
N GLU A 34 -0.74 22.55 -0.81
CA GLU A 34 -1.26 23.41 -1.87
C GLU A 34 -2.53 22.83 -2.47
N LEU A 35 -2.58 21.52 -2.69
CA LEU A 35 -3.80 20.88 -3.17
C LEU A 35 -4.93 21.03 -2.15
N PHE A 36 -4.57 20.97 -0.86
CA PHE A 36 -5.56 21.16 0.19
C PHE A 36 -6.13 22.58 0.16
N GLU A 37 -5.26 23.57 -0.06
CA GLU A 37 -5.71 24.95 -0.19
C GLU A 37 -6.71 25.09 -1.32
N ARG A 38 -6.40 24.50 -2.48
CA ARG A 38 -7.30 24.53 -3.61
C ARG A 38 -8.61 23.81 -3.28
N PHE A 39 -8.53 22.68 -2.59
CA PHE A 39 -9.73 21.95 -2.18
C PHE A 39 -10.63 22.81 -1.31
N MET A 40 -10.06 23.49 -0.30
CA MET A 40 -10.83 24.47 0.47
C MET A 40 -11.63 25.37 -0.44
N GLN A 41 -10.92 25.99 -1.38
CA GLN A 41 -11.50 27.04 -2.21
C GLN A 41 -12.60 26.49 -3.12
N SER A 42 -12.55 25.19 -3.43
CA SER A 42 -13.57 24.58 -4.26
C SER A 42 -14.88 24.36 -3.51
N GLN A 43 -14.86 24.44 -2.19
CA GLN A 43 -16.08 24.25 -1.41
C GLN A 43 -16.91 25.52 -1.39
N THR A 44 -18.21 25.34 -1.15
CA THR A 44 -19.11 26.49 -1.07
C THR A 44 -18.68 27.44 0.04
N ASP A 45 -18.44 26.89 1.23
CA ASP A 45 -17.86 27.61 2.35
C ASP A 45 -17.59 26.61 3.47
N CYS A 46 -16.62 26.89 4.33
CA CYS A 46 -16.30 25.97 5.41
C CYS A 46 -15.64 26.75 6.52
N SER A 47 -15.40 26.07 7.64
CA SER A 47 -14.62 26.60 8.74
C SER A 47 -13.31 25.84 8.80
N ILE A 48 -12.24 26.53 9.20
CA ILE A 48 -10.90 25.97 9.23
C ILE A 48 -10.42 25.85 10.68
N ASP A 49 -9.68 24.79 10.96
CA ASP A 49 -8.96 24.61 12.20
C ASP A 49 -7.49 24.44 11.86
N CYS A 50 -6.63 25.26 12.45
CA CYS A 50 -5.19 25.11 12.30
C CYS A 50 -4.64 24.45 13.54
N ALA A 51 -3.72 23.51 13.35
CA ALA A 51 -3.33 22.63 14.44
C ALA A 51 -1.84 22.34 14.40
N CYS A 52 -1.34 21.91 15.55
CA CYS A 52 0.04 21.46 15.68
CA CYS A 52 0.05 21.47 15.69
C CYS A 52 0.07 20.28 16.64
N LYS A 53 0.85 19.27 16.28
CA LYS A 53 1.04 18.11 17.13
C LYS A 53 2.43 18.22 17.74
N ILE A 54 2.51 18.02 19.06
CA ILE A 54 3.78 18.11 19.78
C ILE A 54 4.13 16.71 20.24
N ASP A 55 5.35 16.28 19.94
CA ASP A 55 5.83 14.96 20.34
C ASP A 55 7.26 15.15 20.82
N GLY A 56 7.44 15.25 22.14
CA GLY A 56 8.75 15.56 22.68
C GLY A 56 9.29 16.86 22.12
N ASP A 57 10.50 16.80 21.58
CA ASP A 57 11.13 17.96 20.96
C ASP A 57 10.61 18.22 19.55
N GLU A 58 9.84 17.32 18.97
CA GLU A 58 9.40 17.46 17.59
C GLU A 58 8.05 18.16 17.53
N LEU A 59 7.85 18.94 16.46
CA LEU A 59 6.61 19.63 16.19
C LEU A 59 6.12 19.25 14.81
N TYR A 60 4.84 18.89 14.71
CA TYR A 60 4.21 18.58 13.42
C TYR A 60 3.07 19.57 13.25
N PRO A 61 3.35 20.75 12.68
CA PRO A 61 2.34 21.81 12.60
C PRO A 61 1.63 21.92 11.25
N ALA A 62 1.88 21.02 10.31
CA ALA A 62 1.21 21.06 9.01
C ALA A 62 -0.11 20.31 9.07
N ARG A 63 -0.97 20.78 9.97
CA ARG A 63 -2.21 20.10 10.31
C ARG A 63 -3.37 21.08 10.16
N PHE A 64 -4.36 20.69 9.37
CA PHE A 64 -5.51 21.53 9.10
C PHE A 64 -6.73 20.64 8.99
N SER A 65 -7.88 21.18 9.40
CA SER A 65 -9.15 20.50 9.22
C SER A 65 -10.16 21.50 8.68
N LEU A 66 -11.00 21.04 7.74
CA LEU A 66 -12.09 21.83 7.19
C LEU A 66 -13.41 21.19 7.63
N ALA A 67 -14.29 21.97 8.24
CA ALA A 67 -15.64 21.54 8.53
C ALA A 67 -16.52 22.01 7.38
N LEU A 68 -17.06 21.06 6.61
CA LEU A 68 -17.82 21.40 5.41
C LEU A 68 -19.25 21.79 5.79
N TYR A 69 -19.68 22.95 5.32
CA TYR A 69 -21.02 23.42 5.63
C TYR A 69 -22.09 22.67 4.85
N ASN A 70 -23.28 22.61 5.45
CA ASN A 70 -24.51 22.07 4.87
C ASN A 70 -24.44 20.57 4.62
N ASN A 71 -24.88 19.80 5.61
CA ASN A 71 -24.96 18.35 5.53
C ASN A 71 -26.07 17.88 4.60
N GLN A 72 -26.90 18.79 4.07
CA GLN A 72 -27.82 18.42 2.99
C GLN A 72 -27.09 17.72 1.86
N TYR A 73 -25.82 18.07 1.64
CA TYR A 73 -25.01 17.52 0.56
C TYR A 73 -23.86 16.68 1.11
N ALA A 74 -24.14 15.91 2.17
CA ALA A 74 -23.11 15.07 2.77
C ALA A 74 -22.57 14.07 1.75
N GLU A 75 -23.46 13.41 1.01
CA GLU A 75 -23.01 12.40 0.05
C GLU A 75 -22.10 13.02 -1.01
N LYS A 76 -22.49 14.17 -1.57
CA LYS A 76 -21.64 14.82 -2.56
C LYS A 76 -20.31 15.24 -1.95
N GLN A 77 -20.34 15.74 -0.72
CA GLN A 77 -19.11 16.16 -0.06
C GLN A 77 -18.13 15.00 0.06
N ILE A 78 -18.61 13.82 0.44
CA ILE A 78 -17.73 12.67 0.56
C ILE A 78 -17.17 12.29 -0.81
N ARG A 79 -18.01 12.36 -1.85
CA ARG A 79 -17.53 12.09 -3.21
C ARG A 79 -16.39 13.05 -3.59
N GLU A 80 -16.59 14.35 -3.37
CA GLU A 80 -15.55 15.31 -3.74
C GLU A 80 -14.32 15.18 -2.84
N THR A 81 -14.50 14.77 -1.58
CA THR A 81 -13.34 14.54 -0.73
C THR A 81 -12.52 13.36 -1.25
N ILE A 82 -13.19 12.24 -1.54
CA ILE A 82 -12.52 11.08 -2.13
C ILE A 82 -11.80 11.48 -3.41
N ASP A 83 -12.43 12.33 -4.23
CA ASP A 83 -11.79 12.80 -5.44
C ASP A 83 -10.53 13.61 -5.14
N PHE A 84 -10.57 14.41 -4.07
CA PHE A 84 -9.38 15.15 -3.66
C PHE A 84 -8.28 14.20 -3.18
N PHE A 85 -8.65 13.15 -2.46
CA PHE A 85 -7.67 12.13 -2.08
C PHE A 85 -7.03 11.49 -3.30
N HIS A 86 -7.82 11.20 -4.34
CA HIS A 86 -7.24 10.66 -5.58
C HIS A 86 -6.29 11.65 -6.21
N GLN A 87 -6.61 12.94 -6.13
CA GLN A 87 -5.72 13.97 -6.67
C GLN A 87 -4.40 13.97 -5.92
N VAL A 88 -4.44 13.80 -4.59
CA VAL A 88 -3.21 13.71 -3.80
C VAL A 88 -2.41 12.50 -4.25
N GLU A 89 -3.08 11.39 -4.55
CA GLU A 89 -2.45 10.19 -5.07
C GLU A 89 -1.84 10.41 -6.46
N GLY A 90 -1.95 11.63 -6.99
CA GLY A 90 -1.34 11.93 -8.27
C GLY A 90 0.16 11.72 -8.26
N ARG A 91 0.81 12.04 -7.14
CA ARG A 91 2.23 11.75 -7.03
C ARG A 91 2.42 10.25 -6.84
N THR A 92 3.32 9.68 -7.63
CA THR A 92 3.34 8.22 -7.81
C THR A 92 3.66 7.49 -6.51
N GLU A 93 4.46 8.09 -5.64
CA GLU A 93 4.86 7.47 -4.38
C GLU A 93 3.82 7.66 -3.27
N VAL A 94 2.68 8.28 -3.56
CA VAL A 94 1.57 8.40 -2.62
C VAL A 94 0.49 7.43 -3.09
N LYS A 95 0.24 6.39 -2.29
CA LYS A 95 -0.82 5.43 -2.59
C LYS A 95 -1.64 5.20 -1.32
N LEU A 96 -2.93 5.46 -1.39
CA LEU A 96 -3.78 5.31 -0.23
C LEU A 96 -4.56 3.99 -0.30
N ASN A 97 -4.96 3.52 0.87
CA ASN A 97 -5.75 2.30 1.02
C ASN A 97 -7.11 2.71 1.56
N TYR A 98 -8.17 2.39 0.81
CA TYR A 98 -9.52 2.83 1.12
C TYR A 98 -10.38 1.73 1.75
N GLN A 99 -9.79 0.59 2.11
CA GLN A 99 -10.60 -0.56 2.51
C GLN A 99 -11.40 -0.30 3.78
N GLN A 100 -10.86 0.49 4.71
CA GLN A 100 -11.59 0.75 5.94
C GLN A 100 -12.81 1.63 5.68
N LEU A 101 -12.63 2.72 4.93
CA LEU A 101 -13.76 3.55 4.54
C LEU A 101 -14.81 2.73 3.80
N GLN A 102 -14.38 2.02 2.75
CA GLN A 102 -15.32 1.24 1.95
C GLN A 102 -16.08 0.23 2.79
N HIS A 103 -15.39 -0.45 3.71
CA HIS A 103 -16.08 -1.42 4.56
C HIS A 103 -17.05 -0.72 5.53
N PHE A 104 -16.70 0.46 6.01
CA PHE A 104 -17.61 1.17 6.93
C PHE A 104 -18.85 1.66 6.21
N LEU A 105 -18.69 2.25 5.02
CA LEU A 105 -19.85 2.77 4.30
C LEU A 105 -20.76 1.64 3.84
N GLY A 106 -20.18 0.52 3.43
CA GLY A 106 -20.97 -0.56 2.88
C GLY A 106 -21.62 -0.15 1.56
N ALA A 107 -22.65 -0.90 1.19
CA ALA A 107 -23.32 -0.69 -0.08
C ALA A 107 -24.55 0.21 0.03
N ASP A 108 -25.08 0.40 1.23
CA ASP A 108 -26.28 1.19 1.43
C ASP A 108 -26.13 2.11 2.64
N PHE A 109 -25.07 2.91 2.64
CA PHE A 109 -24.87 3.90 3.70
C PHE A 109 -26.00 4.91 3.68
N ASP A 110 -26.49 5.27 4.87
CA ASP A 110 -27.57 6.24 4.99
C ASP A 110 -26.95 7.62 5.18
N PHE A 111 -26.76 8.33 4.06
CA PHE A 111 -26.17 9.66 4.11
C PHE A 111 -27.09 10.68 4.78
N SER A 112 -28.37 10.36 4.97
CA SER A 112 -29.23 11.25 5.73
C SER A 112 -28.89 11.26 7.22
N LYS A 113 -28.03 10.35 7.68
CA LYS A 113 -27.61 10.31 9.08
C LYS A 113 -26.35 11.13 9.34
N VAL A 114 -25.70 11.64 8.30
CA VAL A 114 -24.49 12.43 8.47
C VAL A 114 -24.87 13.86 8.84
N ILE A 115 -24.29 14.38 9.93
CA ILE A 115 -24.54 15.76 10.30
C ILE A 115 -23.41 16.70 9.94
N ARG A 116 -22.22 16.18 9.67
CA ARG A 116 -21.06 17.01 9.36
C ARG A 116 -19.98 16.13 8.76
N ASN A 117 -19.38 16.59 7.66
CA ASN A 117 -18.16 16.00 7.15
C ASN A 117 -17.01 16.96 7.42
N LEU A 118 -15.85 16.39 7.78
CA LEU A 118 -14.63 17.15 7.96
C LEU A 118 -13.51 16.48 7.18
N VAL A 119 -12.62 17.31 6.66
CA VAL A 119 -11.49 16.85 5.86
C VAL A 119 -10.22 17.42 6.48
N GLY A 120 -9.19 16.58 6.58
CA GLY A 120 -8.00 16.98 7.27
C GLY A 120 -6.74 16.57 6.52
N VAL A 121 -5.62 17.14 6.96
CA VAL A 121 -4.30 16.79 6.46
C VAL A 121 -3.31 16.95 7.60
N ASP A 122 -2.29 16.08 7.63
CA ASP A 122 -1.17 16.20 8.56
C ASP A 122 0.04 15.86 7.71
N ALA A 123 0.66 16.88 7.13
CA ALA A 123 1.74 16.69 6.18
C ALA A 123 3.05 16.59 6.94
N ARG A 124 3.91 15.68 6.50
CA ARG A 124 5.15 15.39 7.20
C ARG A 124 6.32 15.55 6.23
N ARG A 125 7.51 15.80 6.79
CA ARG A 125 8.71 15.82 5.98
C ARG A 125 8.97 14.44 5.37
N GLU A 126 8.72 13.40 6.14
CA GLU A 126 8.82 12.04 5.64
C GLU A 126 7.49 11.71 4.97
N LEU A 127 7.50 11.64 3.63
CA LEU A 127 6.26 11.55 2.87
C LEU A 127 5.41 10.36 3.32
N ALA A 128 6.06 9.23 3.63
CA ALA A 128 5.33 8.05 4.04
C ALA A 128 4.52 8.28 5.31
N ASP A 129 4.91 9.25 6.14
CA ASP A 129 4.21 9.47 7.40
C ASP A 129 3.06 10.46 7.28
N SER A 130 2.93 11.13 6.15
CA SER A 130 1.85 12.10 5.96
C SER A 130 0.51 11.38 5.87
N ARG A 131 -0.56 12.14 6.17
CA ARG A 131 -1.92 11.60 6.13
C ARG A 131 -2.84 12.63 5.51
N VAL A 132 -3.86 12.13 4.80
CA VAL A 132 -5.09 12.87 4.64
C VAL A 132 -6.13 12.17 5.51
N LYS A 133 -7.17 12.92 5.88
CA LYS A 133 -8.13 12.44 6.87
C LYS A 133 -9.55 12.75 6.42
N LEU A 134 -10.46 11.83 6.70
CA LEU A 134 -11.90 12.06 6.56
C LEU A 134 -12.56 11.78 7.90
N TYR A 135 -13.40 12.70 8.35
CA TYR A 135 -14.21 12.52 9.55
C TYR A 135 -15.68 12.64 9.18
N ILE A 136 -16.46 11.65 9.58
CA ILE A 136 -17.89 11.62 9.30
C ILE A 136 -18.61 11.70 10.65
N TRP A 137 -19.35 12.79 10.87
CA TRP A 137 -20.10 13.00 12.09
C TRP A 137 -21.53 12.55 11.85
N MET A 138 -22.03 11.66 12.70
CA MET A 138 -23.28 10.97 12.45
C MET A 138 -24.20 11.16 13.65
N ASN A 139 -25.50 11.05 13.41
CA ASN A 139 -26.50 11.17 14.46
C ASN A 139 -27.59 10.14 14.27
N ASP A 140 -27.92 9.41 15.33
CA ASP A 140 -29.06 8.49 15.35
C ASP A 140 -28.91 7.40 14.29
N TYR A 141 -27.74 6.76 14.29
CA TYR A 141 -27.40 5.71 13.32
C TYR A 141 -26.91 4.49 14.08
N PRO A 142 -27.81 3.79 14.78
CA PRO A 142 -27.34 2.76 15.73
C PRO A 142 -26.51 1.65 15.11
N GLU A 143 -26.77 1.25 13.87
CA GLU A 143 -26.01 0.16 13.28
C GLU A 143 -24.57 0.56 13.01
N LYS A 144 -24.34 1.78 12.51
CA LYS A 144 -22.97 2.22 12.28
C LYS A 144 -22.24 2.52 13.58
N MET A 145 -22.96 3.01 14.59
CA MET A 145 -22.33 3.27 15.88
C MET A 145 -21.75 1.98 16.46
N ALA A 146 -22.54 0.91 16.41
CA ALA A 146 -22.10 -0.36 16.95
C ALA A 146 -20.93 -0.92 16.14
N THR A 147 -20.96 -0.71 14.82
CA THR A 147 -19.83 -1.12 13.99
C THR A 147 -18.56 -0.37 14.38
N ALA A 148 -18.67 0.96 14.51
CA ALA A 148 -17.52 1.75 14.93
C ALA A 148 -17.02 1.32 16.30
N MET A 149 -17.94 1.05 17.24
CA MET A 149 -17.52 0.60 18.56
C MET A 149 -16.78 -0.73 18.48
N ALA A 150 -17.24 -1.65 17.63
CA ALA A 150 -16.59 -2.94 17.50
C ALA A 150 -15.21 -2.79 16.86
N TRP A 151 -15.04 -1.85 15.95
CA TRP A 151 -13.77 -1.67 15.26
C TRP A 151 -12.78 -0.79 16.03
N CYS A 152 -13.26 0.05 16.94
CA CYS A 152 -12.40 1.02 17.62
C CYS A 152 -12.40 0.92 19.13
N ASP A 153 -13.47 0.41 19.75
CA ASP A 153 -13.57 0.40 21.21
C ASP A 153 -13.27 -1.01 21.72
N ASP A 154 -11.97 -1.32 21.69
CA ASP A 154 -11.47 -2.59 22.22
C ASP A 154 -12.03 -2.88 23.60
N LYS A 155 -11.92 -1.90 24.51
CA LYS A 155 -12.23 -2.10 25.92
C LYS A 155 -13.70 -1.88 26.24
N LYS A 156 -14.52 -1.49 25.27
CA LYS A 156 -15.95 -1.27 25.48
C LYS A 156 -16.20 -0.22 26.56
N GLU A 157 -15.41 0.85 26.51
CA GLU A 157 -15.52 1.93 27.49
C GLU A 157 -16.41 3.06 27.00
N LEU A 158 -16.31 3.44 25.72
CA LEU A 158 -17.13 4.53 25.21
C LEU A 158 -18.62 4.19 25.27
N SER A 159 -18.96 2.91 25.17
CA SER A 159 -20.35 2.47 25.27
C SER A 159 -20.94 2.71 26.64
N THR A 160 -20.11 2.84 27.68
CA THR A 160 -20.60 3.18 29.00
C THR A 160 -20.71 4.69 29.23
N LEU A 161 -20.14 5.50 28.34
CA LEU A 161 -20.05 6.94 28.53
C LEU A 161 -21.02 7.76 27.69
N ILE A 162 -21.40 7.28 26.51
CA ILE A 162 -22.15 8.11 25.57
C ILE A 162 -23.54 8.41 26.13
N VAL A 163 -24.01 9.66 25.93
CA VAL A 163 -25.33 10.05 26.40
C VAL A 163 -26.14 10.71 25.30
N ASN A 164 -25.53 10.98 24.15
CA ASN A 164 -26.28 11.48 23.02
C ASN A 164 -26.13 10.50 21.85
N GLN A 165 -26.88 10.75 20.78
CA GLN A 165 -26.87 9.86 19.63
C GLN A 165 -25.82 10.22 18.60
N GLU A 166 -25.01 11.25 18.86
CA GLU A 166 -23.97 11.66 17.93
C GLU A 166 -22.69 10.87 18.14
N PHE A 167 -22.01 10.58 17.04
CA PHE A 167 -20.69 9.97 17.12
C PHE A 167 -19.90 10.35 15.88
N LEU A 168 -18.59 10.44 16.04
CA LEU A 168 -17.69 10.87 14.98
C LEU A 168 -16.78 9.70 14.64
N VAL A 169 -16.65 9.40 13.35
CA VAL A 169 -15.77 8.32 12.90
C VAL A 169 -14.72 8.94 12.00
N GLY A 170 -13.45 8.78 12.38
CA GLY A 170 -12.33 9.37 11.67
C GLY A 170 -11.57 8.29 10.93
N PHE A 171 -11.20 8.60 9.69
CA PHE A 171 -10.41 7.72 8.85
C PHE A 171 -9.08 8.37 8.55
N ASP A 172 -7.99 7.63 8.82
CA ASP A 172 -6.63 8.08 8.50
C ASP A 172 -6.14 7.33 7.28
N PHE A 173 -5.55 8.07 6.33
CA PHE A 173 -4.98 7.48 5.12
C PHE A 173 -3.52 7.94 5.06
N TYR A 174 -2.63 7.04 5.46
CA TYR A 174 -1.20 7.30 5.32
C TYR A 174 -0.77 7.14 3.86
N PHE A 175 0.23 7.95 3.47
CA PHE A 175 0.67 7.95 2.08
C PHE A 175 1.42 6.69 1.68
N ASP A 176 1.84 5.86 2.63
CA ASP A 176 2.45 4.57 2.31
C ASP A 176 1.43 3.44 2.36
N GLY A 177 0.15 3.75 2.50
CA GLY A 177 -0.89 2.75 2.48
C GLY A 177 -1.37 2.27 3.83
N ARG A 178 -0.79 2.77 4.92
CA ARG A 178 -1.32 2.45 6.24
C ARG A 178 -2.65 3.17 6.45
N THR A 179 -3.47 2.59 7.32
CA THR A 179 -4.81 3.12 7.59
C THR A 179 -5.12 2.95 9.07
N ALA A 180 -6.05 3.78 9.55
CA ALA A 180 -6.56 3.65 10.90
C ALA A 180 -7.94 4.28 10.95
N ILE A 181 -8.79 3.74 11.81
CA ILE A 181 -10.14 4.26 12.01
C ILE A 181 -10.29 4.57 13.50
N GLU A 182 -10.98 5.66 13.81
CA GLU A 182 -11.10 6.13 15.18
C GLU A 182 -12.54 6.53 15.46
N LEU A 183 -12.99 6.25 16.68
CA LEU A 183 -14.32 6.62 17.13
C LEU A 183 -14.22 7.70 18.19
N TYR A 184 -14.98 8.79 18.04
CA TYR A 184 -15.02 9.85 19.04
C TYR A 184 -16.46 10.11 19.47
N ILE A 185 -16.66 10.25 20.78
CA ILE A 185 -17.94 10.69 21.34
C ILE A 185 -17.70 12.00 22.08
N SER A 186 -18.79 12.76 22.28
CA SER A 186 -18.71 14.06 22.91
C SER A 186 -19.58 14.14 24.16
N LEU A 187 -19.13 14.94 25.12
CA LEU A 187 -19.91 15.28 26.30
C LEU A 187 -19.74 16.77 26.55
N SER A 188 -20.86 17.51 26.54
CA SER A 188 -20.84 18.90 26.93
C SER A 188 -20.66 19.03 28.45
N SER A 189 -20.35 20.26 28.89
CA SER A 189 -20.30 20.56 30.32
C SER A 189 -21.61 20.19 31.01
N GLU A 190 -22.74 20.58 30.41
CA GLU A 190 -24.03 20.24 30.98
C GLU A 190 -24.17 18.72 31.14
N GLU A 191 -23.68 17.96 30.17
CA GLU A 191 -23.80 16.51 30.24
C GLU A 191 -22.87 15.92 31.29
N PHE A 192 -21.56 16.23 31.21
CA PHE A 192 -20.67 15.56 32.16
C PHE A 192 -20.77 16.10 33.58
N GLN A 193 -21.50 17.19 33.82
CA GLN A 193 -21.71 17.62 35.20
C GLN A 193 -22.90 16.94 35.86
N GLN A 194 -23.67 16.16 35.11
CA GLN A 194 -24.72 15.36 35.72
C GLN A 194 -24.10 14.20 36.50
N THR A 195 -24.65 13.95 37.70
CA THR A 195 -24.00 13.07 38.67
C THR A 195 -23.73 11.68 38.08
N GLN A 196 -24.75 11.06 37.48
CA GLN A 196 -24.57 9.71 36.96
C GLN A 196 -23.62 9.69 35.77
N VAL A 197 -23.67 10.71 34.92
CA VAL A 197 -22.72 10.79 33.81
C VAL A 197 -21.29 10.91 34.33
N TRP A 198 -21.08 11.74 35.36
CA TRP A 198 -19.75 11.90 35.91
C TRP A 198 -19.26 10.61 36.56
N GLU A 199 -20.14 9.91 37.29
CA GLU A 199 -19.74 8.67 37.93
C GLU A 199 -19.29 7.64 36.89
N ARG A 200 -19.98 7.59 35.74
CA ARG A 200 -19.57 6.67 34.69
C ARG A 200 -18.23 7.08 34.10
N LEU A 201 -18.02 8.38 33.89
CA LEU A 201 -16.70 8.88 33.46
C LEU A 201 -15.61 8.41 34.42
N ALA A 202 -15.85 8.53 35.71
CA ALA A 202 -14.83 8.27 36.72
C ALA A 202 -14.42 6.80 36.76
N LYS A 203 -15.25 5.89 36.26
CA LYS A 203 -14.88 4.48 36.22
C LYS A 203 -14.02 4.13 35.02
N VAL A 204 -13.96 5.01 34.02
CA VAL A 204 -13.29 4.71 32.77
C VAL A 204 -12.06 5.59 32.53
N VAL A 205 -12.07 6.83 33.01
CA VAL A 205 -11.02 7.80 32.75
C VAL A 205 -10.17 7.93 34.00
N CYS A 206 -8.85 7.80 33.84
CA CYS A 206 -7.96 7.90 34.99
C CYS A 206 -8.07 9.28 35.63
N ALA A 207 -7.78 9.34 36.93
CA ALA A 207 -8.06 10.56 37.70
C ALA A 207 -7.37 11.80 37.15
N PRO A 208 -6.08 11.80 36.78
CA PRO A 208 -5.48 13.04 36.29
C PRO A 208 -6.13 13.57 35.03
N ALA A 209 -6.56 12.68 34.14
CA ALA A 209 -7.27 13.12 32.95
C ALA A 209 -8.68 13.59 33.28
N LEU A 210 -9.31 12.96 34.27
CA LEU A 210 -10.67 13.33 34.63
C LEU A 210 -10.70 14.68 35.33
N ARG A 211 -9.72 14.95 36.20
CA ARG A 211 -9.68 16.24 36.89
C ARG A 211 -9.58 17.40 35.91
N LEU A 212 -8.96 17.17 34.75
CA LEU A 212 -8.84 18.20 33.72
C LEU A 212 -10.18 18.52 33.05
N VAL A 213 -11.13 17.59 33.08
CA VAL A 213 -12.41 17.78 32.41
C VAL A 213 -13.15 18.99 32.96
N ASN A 214 -12.96 19.28 34.26
CA ASN A 214 -13.64 20.40 34.91
C ASN A 214 -13.26 21.75 34.31
N ASP A 215 -12.11 21.84 33.62
CA ASP A 215 -11.65 23.09 33.05
C ASP A 215 -12.19 23.34 31.65
N CYS A 216 -13.28 22.67 31.27
CA CYS A 216 -13.65 22.55 29.87
C CYS A 216 -15.13 22.91 29.69
N GLN A 217 -15.48 23.41 28.51
CA GLN A 217 -16.88 23.53 28.16
C GLN A 217 -17.43 22.27 27.51
N ALA A 218 -16.57 21.36 27.10
CA ALA A 218 -16.94 20.09 26.48
C ALA A 218 -15.68 19.24 26.36
N ILE A 219 -15.87 17.93 26.28
CA ILE A 219 -14.78 17.02 26.00
C ILE A 219 -15.21 16.10 24.88
N GLN A 220 -14.20 15.54 24.20
CA GLN A 220 -14.40 14.37 23.36
C GLN A 220 -13.37 13.34 23.78
N ILE A 221 -13.71 12.07 23.58
CA ILE A 221 -12.78 10.97 23.79
C ILE A 221 -12.71 10.15 22.52
N GLY A 222 -11.51 9.92 22.04
CA GLY A 222 -11.27 9.14 20.83
C GLY A 222 -10.59 7.83 21.17
N VAL A 223 -11.13 6.75 20.62
CA VAL A 223 -10.58 5.40 20.79
C VAL A 223 -10.29 4.82 19.43
N SER A 224 -9.21 4.06 19.33
CA SER A 224 -8.77 3.52 18.05
C SER A 224 -7.75 2.42 18.32
N ARG A 225 -7.71 1.42 17.43
CA ARG A 225 -6.66 0.42 17.50
C ARG A 225 -5.28 1.04 17.39
N ALA A 226 -5.18 2.22 16.75
CA ALA A 226 -3.91 2.90 16.55
C ALA A 226 -3.51 3.80 17.70
N ASN A 227 -4.37 3.96 18.70
CA ASN A 227 -4.07 4.78 19.87
C ASN A 227 -3.37 3.95 20.93
N ASP A 228 -2.34 4.52 21.54
CA ASP A 228 -1.68 3.86 22.66
C ASP A 228 -2.45 4.02 23.96
N SER A 229 -3.42 4.93 24.00
CA SER A 229 -4.37 5.07 25.09
C SER A 229 -5.55 5.86 24.55
N LYS A 230 -6.58 6.03 25.37
CA LYS A 230 -7.67 6.93 25.01
C LYS A 230 -7.13 8.34 24.83
N ILE A 231 -7.66 9.06 23.85
CA ILE A 231 -7.25 10.44 23.59
C ILE A 231 -8.36 11.36 24.10
N MET A 232 -8.02 12.21 25.07
CA MET A 232 -8.95 13.19 25.61
C MET A 232 -8.85 14.51 24.87
N TYR A 233 -9.98 14.99 24.38
CA TYR A 233 -10.06 16.25 23.66
C TYR A 233 -10.70 17.27 24.59
N TYR A 234 -9.91 18.24 25.03
CA TYR A 234 -10.35 19.25 26.00
C TYR A 234 -10.73 20.53 25.27
N HIS A 235 -12.03 20.84 25.23
CA HIS A 235 -12.52 22.09 24.67
C HIS A 235 -12.40 23.17 25.74
N THR A 236 -11.31 23.94 25.68
CA THR A 236 -10.87 24.71 26.84
C THR A 236 -11.86 25.84 27.16
N LEU A 237 -12.06 26.06 28.46
CA LEU A 237 -12.82 27.21 28.94
C LEU A 237 -12.00 28.48 28.89
N ASN A 238 -10.76 28.41 29.37
CA ASN A 238 -9.83 29.53 29.40
C ASN A 238 -8.56 29.03 28.73
N PRO A 239 -8.41 29.26 27.42
CA PRO A 239 -7.24 28.75 26.69
C PRO A 239 -5.90 29.12 27.32
N ASN A 240 -5.78 30.35 27.82
CA ASN A 240 -4.50 30.81 28.36
C ASN A 240 -4.10 30.02 29.59
N SER A 241 -5.01 29.89 30.57
CA SER A 241 -4.67 29.14 31.78
C SER A 241 -4.52 27.66 31.48
N PHE A 242 -5.34 27.13 30.56
CA PHE A 242 -5.22 25.72 30.21
C PHE A 242 -3.82 25.40 29.68
N ILE A 243 -3.31 26.24 28.77
CA ILE A 243 -1.97 26.01 28.23
C ILE A 243 -0.92 26.16 29.34
N ASP A 244 -1.04 27.21 30.16
CA ASP A 244 -0.07 27.39 31.25
C ASP A 244 -0.04 26.18 32.17
N ASN A 245 -1.20 25.60 32.47
CA ASN A 245 -1.29 24.47 33.39
C ASN A 245 -0.72 23.19 32.81
N LEU A 246 -0.34 23.18 31.53
CA LEU A 246 0.27 21.99 30.94
C LEU A 246 1.74 21.85 31.28
N GLY A 247 2.40 22.94 31.66
CA GLY A 247 3.83 22.91 31.92
C GLY A 247 4.64 22.42 30.74
N ASN A 248 4.19 22.67 29.51
CA ASN A 248 4.85 22.19 28.30
C ASN A 248 5.42 23.40 27.55
N GLU A 249 6.75 23.45 27.45
CA GLU A 249 7.40 24.63 26.90
C GLU A 249 7.00 24.88 25.44
N MET A 250 6.89 23.81 24.64
CA MET A 250 6.56 24.01 23.23
C MET A 250 5.13 24.49 23.05
N ALA A 251 4.20 23.96 23.85
CA ALA A 251 2.81 24.42 23.77
C ALA A 251 2.69 25.89 24.13
N SER A 252 3.42 26.34 25.16
CA SER A 252 3.41 27.75 25.51
C SER A 252 3.96 28.61 24.40
N ARG A 253 4.97 28.10 23.68
CA ARG A 253 5.55 28.85 22.57
C ARG A 253 4.56 28.96 21.42
N VAL A 254 3.86 27.87 21.12
CA VAL A 254 2.84 27.91 20.08
C VAL A 254 1.74 28.90 20.46
N HIS A 255 1.22 28.77 21.68
CA HIS A 255 0.14 29.63 22.13
C HIS A 255 0.60 31.08 22.33
N ALA A 256 1.91 31.31 22.47
CA ALA A 256 2.41 32.67 22.57
C ALA A 256 2.05 33.48 21.34
N TYR A 257 1.95 32.83 20.18
CA TYR A 257 1.53 33.55 18.98
C TYR A 257 0.00 33.69 18.93
N TYR A 258 -0.71 32.61 19.17
CA TYR A 258 -2.16 32.60 18.99
C TYR A 258 -2.92 33.29 20.12
N ARG A 259 -2.26 33.61 21.23
CA ARG A 259 -2.92 34.25 22.36
C ARG A 259 -3.63 35.53 21.94
N HIS A 260 -3.07 36.25 20.97
CA HIS A 260 -3.63 37.51 20.49
C HIS A 260 -4.19 37.37 19.08
N GLN A 261 -4.89 36.26 18.83
CA GLN A 261 -5.48 36.00 17.53
C GLN A 261 -6.99 35.76 17.68
N PRO A 262 -7.79 36.19 16.70
CA PRO A 262 -9.23 35.96 16.78
C PRO A 262 -9.60 34.50 16.59
N VAL A 263 -9.75 33.77 17.69
CA VAL A 263 -9.94 32.34 17.68
C VAL A 263 -11.32 32.01 18.25
N ARG A 264 -12.06 31.14 17.56
CA ARG A 264 -13.32 30.65 18.09
C ARG A 264 -13.10 29.81 19.34
N SER A 265 -12.24 28.81 19.24
CA SER A 265 -11.95 28.00 20.42
C SER A 265 -10.59 27.33 20.26
N LEU A 266 -10.03 26.92 21.38
CA LEU A 266 -8.82 26.11 21.43
C LEU A 266 -9.19 24.77 22.04
N VAL A 267 -8.95 23.70 21.28
CA VAL A 267 -9.10 22.35 21.77
C VAL A 267 -7.70 21.77 21.93
N VAL A 268 -7.44 21.16 23.09
CA VAL A 268 -6.18 20.50 23.37
C VAL A 268 -6.48 19.02 23.59
N CYS A 269 -5.81 18.15 22.85
CA CYS A 269 -6.01 16.73 23.07
C CYS A 269 -4.73 16.12 23.63
N ILE A 270 -4.90 15.24 24.61
CA ILE A 270 -3.78 14.65 25.34
C ILE A 270 -4.10 13.18 25.52
N PRO A 271 -3.21 12.27 25.14
CA PRO A 271 -3.42 10.85 25.47
C PRO A 271 -3.51 10.69 26.98
N GLU A 272 -4.42 9.82 27.41
CA GLU A 272 -4.59 9.55 28.83
C GLU A 272 -3.25 9.22 29.48
N GLN A 273 -2.42 8.42 28.80
CA GLN A 273 -1.15 7.98 29.37
C GLN A 273 -0.23 9.16 29.68
N GLU A 274 -0.32 10.24 28.91
CA GLU A 274 0.56 11.39 29.18
C GLU A 274 0.24 12.04 30.52
N LEU A 275 -1.00 11.93 30.99
CA LEU A 275 -1.38 12.63 32.21
C LEU A 275 -0.99 11.88 33.46
N THR A 276 -0.48 10.65 33.34
CA THR A 276 0.11 9.92 34.45
C THR A 276 1.63 9.98 34.45
N ALA A 277 2.24 10.79 33.59
CA ALA A 277 3.68 10.92 33.54
C ALA A 277 4.13 12.15 34.32
N ARG A 278 5.44 12.23 34.55
CA ARG A 278 6.02 13.37 35.25
C ARG A 278 5.77 14.68 34.51
N SER A 279 5.71 14.64 33.18
CA SER A 279 5.47 15.84 32.39
C SER A 279 4.75 15.43 31.13
N ILE A 280 3.97 16.37 30.59
CA ILE A 280 3.26 16.15 29.32
C ILE A 280 4.22 16.39 28.17
N GLN A 281 4.36 15.40 27.30
CA GLN A 281 5.26 15.51 26.16
C GLN A 281 4.59 15.26 24.83
N ARG A 282 3.33 14.84 24.81
CA ARG A 282 2.59 14.61 23.57
C ARG A 282 1.22 15.25 23.71
N LEU A 283 0.85 16.04 22.71
CA LEU A 283 -0.44 16.73 22.73
C LEU A 283 -0.64 17.36 21.37
N ASN A 284 -1.91 17.58 21.03
CA ASN A 284 -2.27 18.36 19.86
C ASN A 284 -3.02 19.61 20.32
N MET A 285 -2.79 20.70 19.61
CA MET A 285 -3.51 21.95 19.82
C MET A 285 -4.27 22.26 18.55
N TYR A 286 -5.58 22.46 18.66
CA TYR A 286 -6.40 22.82 17.51
C TYR A 286 -6.99 24.20 17.75
N TYR A 287 -6.69 25.13 16.85
CA TYR A 287 -7.23 26.49 16.90
C TYR A 287 -8.31 26.58 15.83
N CYS A 288 -9.57 26.57 16.27
CA CYS A 288 -10.71 26.63 15.36
C CYS A 288 -11.02 28.09 15.08
N MET A 289 -10.88 28.50 13.82
CA MET A 289 -11.00 29.90 13.44
C MET A 289 -12.46 30.26 13.16
N ASN A 290 -12.77 31.54 13.36
CA ASN A 290 -14.12 32.04 13.09
C ASN A 290 -14.43 31.97 11.60
N LYS B 11 -37.18 14.77 -12.01
CA LYS B 11 -37.01 13.54 -12.78
C LYS B 11 -35.83 13.65 -13.76
N SER B 12 -34.91 12.69 -13.68
CA SER B 12 -33.71 12.71 -14.52
C SER B 12 -34.02 12.09 -15.88
N LYS B 13 -33.81 12.85 -16.95
CA LYS B 13 -34.01 12.30 -18.29
C LYS B 13 -33.05 11.15 -18.57
N ASN B 14 -31.78 11.31 -18.15
CA ASN B 14 -30.80 10.26 -18.40
C ASN B 14 -31.24 8.91 -17.83
N LEU B 15 -31.80 8.92 -16.61
CA LEU B 15 -32.26 7.66 -16.03
C LEU B 15 -33.50 7.15 -16.75
N MET B 16 -34.43 8.05 -17.10
CA MET B 16 -35.57 7.66 -17.94
C MET B 16 -35.13 6.95 -19.20
N TYR B 17 -34.18 7.52 -19.94
CA TYR B 17 -33.76 6.92 -21.20
C TYR B 17 -33.12 5.55 -20.98
N MET B 18 -32.26 5.44 -19.97
CA MET B 18 -31.61 4.15 -19.79
C MET B 18 -32.59 3.12 -19.25
N LYS B 19 -33.55 3.53 -18.42
CA LYS B 19 -34.56 2.61 -17.92
C LYS B 19 -35.43 2.07 -19.05
N ALA B 20 -35.91 2.96 -19.91
CA ALA B 20 -36.74 2.53 -21.04
C ALA B 20 -35.98 1.57 -21.95
N HIS B 21 -34.70 1.83 -22.19
CA HIS B 21 -33.89 0.90 -22.97
C HIS B 21 -33.82 -0.46 -22.31
N GLU B 22 -33.59 -0.51 -21.00
CA GLU B 22 -33.54 -1.79 -20.29
C GLU B 22 -34.86 -2.53 -20.39
N ASN B 23 -35.98 -1.79 -20.32
CA ASN B 23 -37.28 -2.44 -20.31
C ASN B 23 -37.72 -2.85 -21.71
N ILE B 24 -37.38 -2.06 -22.73
CA ILE B 24 -37.73 -2.43 -24.09
C ILE B 24 -36.98 -3.68 -24.52
N PHE B 25 -35.70 -3.78 -24.18
CA PHE B 25 -34.86 -4.87 -24.65
C PHE B 25 -34.67 -5.97 -23.59
N GLU B 26 -35.52 -5.99 -22.58
CA GLU B 26 -35.61 -7.09 -21.61
C GLU B 26 -34.26 -7.35 -20.95
N ILE B 27 -33.62 -6.27 -20.51
CA ILE B 27 -32.33 -6.36 -19.83
C ILE B 27 -32.57 -6.65 -18.35
N GLU B 28 -31.93 -7.72 -17.84
CA GLU B 28 -32.32 -8.30 -16.57
C GLU B 28 -31.35 -8.03 -15.43
N ALA B 29 -31.09 -6.74 -15.14
CA ALA B 29 -30.31 -6.34 -13.97
C ALA B 29 -28.91 -6.94 -13.98
N LEU B 30 -28.28 -6.95 -15.15
CA LEU B 30 -26.92 -7.45 -15.29
C LEU B 30 -25.95 -6.53 -14.55
N TYR B 31 -24.90 -7.12 -14.04
CA TYR B 31 -23.82 -6.38 -13.40
C TYR B 31 -22.95 -5.72 -14.48
N PRO B 32 -22.54 -4.45 -14.29
CA PRO B 32 -22.81 -3.53 -13.18
C PRO B 32 -23.76 -2.40 -13.59
N LEU B 33 -24.90 -2.75 -14.18
CA LEU B 33 -25.80 -1.72 -14.70
C LEU B 33 -26.29 -0.81 -13.58
N GLU B 34 -26.61 -1.37 -12.42
CA GLU B 34 -27.06 -0.56 -11.30
C GLU B 34 -25.97 0.40 -10.84
N LEU B 35 -24.72 -0.07 -10.82
CA LEU B 35 -23.61 0.81 -10.43
C LEU B 35 -23.40 1.91 -11.45
N PHE B 36 -23.56 1.58 -12.73
CA PHE B 36 -23.44 2.59 -13.78
C PHE B 36 -24.51 3.67 -13.63
N GLU B 37 -25.74 3.28 -13.28
CA GLU B 37 -26.80 4.25 -13.02
C GLU B 37 -26.40 5.24 -11.93
N ARG B 38 -25.90 4.73 -10.80
CA ARG B 38 -25.52 5.62 -9.70
C ARG B 38 -24.36 6.52 -10.10
N PHE B 39 -23.41 6.00 -10.87
CA PHE B 39 -22.33 6.84 -11.40
C PHE B 39 -22.89 7.96 -12.27
N MET B 40 -23.87 7.63 -13.13
CA MET B 40 -24.38 8.65 -14.03
C MET B 40 -25.22 9.68 -13.29
N GLN B 41 -25.91 9.27 -12.22
CA GLN B 41 -26.64 10.22 -11.39
C GLN B 41 -25.71 11.19 -10.66
N SER B 42 -24.43 10.85 -10.52
CA SER B 42 -23.47 11.69 -9.83
C SER B 42 -22.74 12.65 -10.77
N GLN B 43 -22.96 12.56 -12.08
CA GLN B 43 -22.27 13.40 -13.04
C GLN B 43 -23.18 14.53 -13.49
N THR B 44 -22.60 15.72 -13.64
CA THR B 44 -23.26 16.84 -14.28
C THR B 44 -22.76 16.97 -15.71
N ASP B 45 -23.47 17.77 -16.50
CA ASP B 45 -23.11 18.05 -17.88
C ASP B 45 -22.83 16.76 -18.65
N CYS B 46 -23.81 15.87 -18.62
CA CYS B 46 -23.62 14.55 -19.21
C CYS B 46 -24.88 14.10 -19.92
N SER B 47 -24.70 13.40 -21.04
CA SER B 47 -25.78 12.81 -21.80
C SER B 47 -25.50 11.33 -21.97
N ILE B 48 -26.55 10.54 -22.20
CA ILE B 48 -26.41 9.09 -22.25
C ILE B 48 -26.75 8.59 -23.64
N ASP B 49 -25.98 7.60 -24.09
CA ASP B 49 -26.25 6.87 -25.33
C ASP B 49 -26.71 5.47 -24.98
N CYS B 50 -27.84 5.06 -25.56
CA CYS B 50 -28.36 3.71 -25.37
C CYS B 50 -28.13 2.94 -26.65
N ALA B 51 -27.49 1.78 -26.54
CA ALA B 51 -26.93 1.11 -27.71
C ALA B 51 -27.21 -0.38 -27.69
N CYS B 52 -26.91 -1.03 -28.81
CA CYS B 52 -26.95 -2.48 -28.88
C CYS B 52 -25.99 -2.96 -29.95
N LYS B 53 -25.40 -4.13 -29.71
CA LYS B 53 -24.56 -4.80 -30.69
C LYS B 53 -25.35 -5.93 -31.33
N ILE B 54 -25.30 -6.01 -32.66
CA ILE B 54 -25.95 -7.07 -33.43
C ILE B 54 -24.86 -7.93 -34.05
N ASP B 55 -24.95 -9.24 -33.85
CA ASP B 55 -24.04 -10.21 -34.47
C ASP B 55 -24.88 -11.39 -34.90
N GLY B 56 -25.14 -11.52 -36.19
CA GLY B 56 -26.08 -12.53 -36.65
C GLY B 56 -27.46 -12.21 -36.11
N ASP B 57 -28.09 -13.20 -35.49
CA ASP B 57 -29.36 -12.98 -34.80
C ASP B 57 -29.19 -12.86 -33.29
N GLU B 58 -27.96 -12.67 -32.82
CA GLU B 58 -27.70 -12.42 -31.41
C GLU B 58 -27.70 -10.91 -31.16
N LEU B 59 -28.46 -10.48 -30.17
CA LEU B 59 -28.53 -9.07 -29.80
C LEU B 59 -27.95 -8.88 -28.41
N TYR B 60 -27.05 -7.91 -28.27
CA TYR B 60 -26.45 -7.55 -26.98
C TYR B 60 -26.85 -6.12 -26.68
N PRO B 61 -27.96 -5.90 -25.97
CA PRO B 61 -28.54 -4.56 -25.81
C PRO B 61 -28.18 -3.83 -24.52
N ALA B 62 -27.38 -4.42 -23.64
CA ALA B 62 -27.02 -3.79 -22.37
C ALA B 62 -25.75 -2.97 -22.52
N ARG B 63 -25.82 -1.98 -23.40
CA ARG B 63 -24.70 -1.13 -23.77
C ARG B 63 -25.11 0.32 -23.62
N PHE B 64 -24.35 1.08 -22.83
CA PHE B 64 -24.66 2.47 -22.53
C PHE B 64 -23.37 3.27 -22.50
N SER B 65 -23.45 4.53 -22.92
CA SER B 65 -22.31 5.42 -22.91
C SER B 65 -22.71 6.76 -22.31
N LEU B 66 -21.86 7.28 -21.44
CA LEU B 66 -22.03 8.61 -20.86
C LEU B 66 -21.05 9.57 -21.54
N ALA B 67 -21.58 10.65 -22.11
CA ALA B 67 -20.74 11.71 -22.65
C ALA B 67 -20.56 12.78 -21.58
N LEU B 68 -19.33 12.98 -21.14
CA LEU B 68 -18.98 14.05 -20.20
C LEU B 68 -18.42 15.19 -21.04
N TYR B 69 -19.31 16.09 -21.49
CA TYR B 69 -18.99 17.01 -22.57
C TYR B 69 -18.51 18.38 -22.10
N ASN B 70 -18.42 18.62 -20.79
CA ASN B 70 -17.83 19.84 -20.27
C ASN B 70 -16.37 19.53 -19.93
N ASN B 71 -15.46 19.96 -20.81
CA ASN B 71 -14.05 19.58 -20.68
C ASN B 71 -13.28 20.42 -19.66
N GLN B 72 -13.94 21.38 -19.02
CA GLN B 72 -13.30 22.16 -17.97
C GLN B 72 -12.66 21.27 -16.91
N TYR B 73 -13.25 20.12 -16.61
CA TYR B 73 -12.78 19.28 -15.53
C TYR B 73 -12.45 17.87 -16.03
N ALA B 74 -11.67 17.79 -17.10
CA ALA B 74 -11.37 16.51 -17.72
C ALA B 74 -10.59 15.60 -16.77
N GLU B 75 -9.62 16.16 -16.04
CA GLU B 75 -8.85 15.36 -15.08
C GLU B 75 -9.76 14.75 -14.02
N LYS B 76 -10.61 15.57 -13.40
CA LYS B 76 -11.54 15.06 -12.40
C LYS B 76 -12.40 13.95 -12.96
N GLN B 77 -12.92 14.11 -14.18
CA GLN B 77 -13.78 13.10 -14.78
C GLN B 77 -13.05 11.76 -14.93
N ILE B 78 -11.79 11.80 -15.37
CA ILE B 78 -11.04 10.55 -15.51
C ILE B 78 -10.80 9.92 -14.14
N ARG B 79 -10.48 10.74 -13.13
CA ARG B 79 -10.33 10.23 -11.77
C ARG B 79 -11.59 9.52 -11.31
N GLU B 80 -12.74 10.18 -11.42
CA GLU B 80 -13.99 9.60 -10.94
C GLU B 80 -14.41 8.40 -11.80
N THR B 81 -14.05 8.40 -13.08
CA THR B 81 -14.30 7.23 -13.91
C THR B 81 -13.47 6.04 -13.42
N ILE B 82 -12.19 6.27 -13.12
CA ILE B 82 -11.36 5.19 -12.57
C ILE B 82 -11.93 4.70 -11.25
N ASP B 83 -12.44 5.61 -10.43
CA ASP B 83 -13.03 5.23 -9.15
C ASP B 83 -14.27 4.36 -9.35
N PHE B 84 -15.10 4.73 -10.32
CA PHE B 84 -16.25 3.90 -10.69
C PHE B 84 -15.79 2.52 -11.13
N PHE B 85 -14.76 2.45 -11.96
CA PHE B 85 -14.17 1.17 -12.33
C PHE B 85 -13.73 0.39 -11.10
N HIS B 86 -13.17 1.10 -10.11
CA HIS B 86 -12.78 0.43 -8.87
C HIS B 86 -14.00 -0.14 -8.16
N GLN B 87 -15.12 0.58 -8.16
CA GLN B 87 -16.33 0.06 -7.54
C GLN B 87 -16.85 -1.17 -8.28
N VAL B 88 -16.69 -1.20 -9.61
CA VAL B 88 -17.08 -2.39 -10.37
C VAL B 88 -16.19 -3.57 -9.99
N GLU B 89 -14.90 -3.32 -9.76
CA GLU B 89 -13.95 -4.31 -9.27
C GLU B 89 -14.23 -4.74 -7.83
N GLY B 90 -15.21 -4.12 -7.16
CA GLY B 90 -15.52 -4.52 -5.80
C GLY B 90 -15.98 -5.96 -5.72
N ARG B 91 -16.74 -6.41 -6.72
CA ARG B 91 -17.02 -7.84 -6.87
C ARG B 91 -15.69 -8.57 -6.99
N THR B 92 -15.36 -9.40 -6.00
CA THR B 92 -14.10 -10.14 -6.05
C THR B 92 -13.97 -10.91 -7.36
N GLU B 93 -15.08 -11.18 -8.02
CA GLU B 93 -15.14 -12.06 -9.17
C GLU B 93 -14.93 -11.32 -10.48
N VAL B 94 -14.64 -10.02 -10.42
CA VAL B 94 -14.39 -9.18 -11.60
C VAL B 94 -12.96 -8.66 -11.52
N LYS B 95 -12.21 -8.79 -12.61
CA LYS B 95 -10.79 -8.45 -12.63
C LYS B 95 -10.52 -7.54 -13.81
N LEU B 96 -10.10 -6.30 -13.54
CA LEU B 96 -9.83 -5.32 -14.57
C LEU B 96 -8.34 -5.02 -14.65
N ASN B 97 -7.84 -4.89 -15.87
CA ASN B 97 -6.43 -4.64 -16.15
C ASN B 97 -6.32 -3.24 -16.73
N TYR B 98 -5.65 -2.35 -16.01
CA TYR B 98 -5.54 -0.95 -16.39
C TYR B 98 -4.24 -0.61 -17.10
N GLN B 99 -3.45 -1.61 -17.49
CA GLN B 99 -2.09 -1.36 -17.96
C GLN B 99 -2.06 -0.48 -19.21
N GLN B 100 -2.94 -0.74 -20.18
CA GLN B 100 -2.92 0.01 -21.43
C GLN B 100 -3.23 1.48 -21.18
N LEU B 101 -4.16 1.77 -20.28
CA LEU B 101 -4.48 3.17 -19.97
C LEU B 101 -3.33 3.84 -19.24
N GLN B 102 -2.74 3.16 -18.25
CA GLN B 102 -1.65 3.75 -17.48
C GLN B 102 -0.43 4.01 -18.36
N HIS B 103 -0.16 3.11 -19.32
CA HIS B 103 0.93 3.34 -20.25
C HIS B 103 0.61 4.49 -21.19
N PHE B 104 -0.65 4.61 -21.63
CA PHE B 104 -1.01 5.71 -22.51
C PHE B 104 -0.97 7.04 -21.77
N LEU B 105 -1.53 7.08 -20.56
CA LEU B 105 -1.50 8.32 -19.77
C LEU B 105 -0.07 8.71 -19.42
N GLY B 106 0.79 7.71 -19.13
CA GLY B 106 2.17 8.02 -18.84
C GLY B 106 2.33 8.76 -17.52
N ALA B 107 3.41 9.54 -17.41
CA ALA B 107 3.77 10.19 -16.17
C ALA B 107 3.42 11.68 -16.14
N ASP B 108 3.09 12.29 -17.27
CA ASP B 108 2.80 13.71 -17.32
C ASP B 108 1.79 13.99 -18.43
N PHE B 109 0.63 13.35 -18.34
CA PHE B 109 -0.39 13.49 -19.38
C PHE B 109 -0.98 14.89 -19.35
N ASP B 110 -1.10 15.51 -20.53
CA ASP B 110 -1.61 16.87 -20.65
C ASP B 110 -3.14 16.79 -20.72
N PHE B 111 -3.79 17.02 -19.58
CA PHE B 111 -5.24 16.92 -19.52
C PHE B 111 -5.93 18.12 -20.17
N SER B 112 -5.21 19.22 -20.36
CA SER B 112 -5.79 20.36 -21.07
C SER B 112 -6.06 20.07 -22.55
N LYS B 113 -5.52 18.97 -23.08
CA LYS B 113 -5.77 18.58 -24.46
C LYS B 113 -7.05 17.78 -24.62
N VAL B 114 -7.72 17.43 -23.53
CA VAL B 114 -8.90 16.57 -23.58
C VAL B 114 -10.12 17.45 -23.87
N ILE B 115 -10.87 17.10 -24.91
CA ILE B 115 -12.07 17.86 -25.26
C ILE B 115 -13.34 17.15 -24.84
N ARG B 116 -13.29 15.86 -24.56
CA ARG B 116 -14.46 15.12 -24.10
C ARG B 116 -14.01 13.80 -23.49
N ASN B 117 -14.75 13.36 -22.48
CA ASN B 117 -14.58 12.04 -21.89
C ASN B 117 -15.89 11.30 -22.03
N LEU B 118 -15.81 10.00 -22.35
CA LEU B 118 -16.99 9.14 -22.35
C LEU B 118 -16.72 7.88 -21.53
N VAL B 119 -17.74 7.42 -20.84
CA VAL B 119 -17.67 6.22 -20.01
C VAL B 119 -18.71 5.24 -20.53
N GLY B 120 -18.27 4.01 -20.80
CA GLY B 120 -19.17 3.03 -21.37
C GLY B 120 -19.29 1.74 -20.57
N VAL B 121 -20.39 1.04 -20.77
CA VAL B 121 -20.59 -0.28 -20.18
C VAL B 121 -21.24 -1.17 -21.23
N ASP B 122 -20.88 -2.46 -21.22
CA ASP B 122 -21.49 -3.45 -22.10
C ASP B 122 -21.64 -4.71 -21.26
N ALA B 123 -22.79 -4.83 -20.59
CA ALA B 123 -23.04 -5.92 -19.65
C ALA B 123 -23.50 -7.17 -20.39
N ARG B 124 -22.87 -8.30 -20.08
CA ARG B 124 -23.21 -9.57 -20.70
C ARG B 124 -23.69 -10.54 -19.63
N ARG B 125 -24.49 -11.52 -20.04
CA ARG B 125 -24.90 -12.58 -19.12
C ARG B 125 -23.69 -13.41 -18.70
N GLU B 126 -22.72 -13.57 -19.60
CA GLU B 126 -21.43 -14.15 -19.25
C GLU B 126 -20.56 -13.04 -18.66
N LEU B 127 -20.34 -13.08 -17.35
CA LEU B 127 -19.67 -11.97 -16.67
C LEU B 127 -18.29 -11.71 -17.24
N ALA B 128 -17.60 -12.75 -17.71
CA ALA B 128 -16.26 -12.57 -18.24
C ALA B 128 -16.25 -11.72 -19.51
N ASP B 129 -17.35 -11.72 -20.27
CA ASP B 129 -17.43 -10.98 -21.52
C ASP B 129 -17.92 -9.55 -21.33
N SER B 130 -18.48 -9.23 -20.15
CA SER B 130 -18.85 -7.86 -19.85
C SER B 130 -17.62 -6.95 -19.85
N ARG B 131 -17.86 -5.65 -20.01
CA ARG B 131 -16.75 -4.72 -19.98
C ARG B 131 -17.23 -3.32 -19.62
N VAL B 132 -16.32 -2.55 -19.04
CA VAL B 132 -16.46 -1.10 -18.94
C VAL B 132 -15.45 -0.49 -19.89
N LYS B 133 -15.72 0.74 -20.32
CA LYS B 133 -14.86 1.41 -21.28
CA LYS B 133 -14.87 1.42 -21.28
C LYS B 133 -14.70 2.88 -20.90
N LEU B 134 -13.51 3.41 -21.17
CA LEU B 134 -13.22 4.83 -21.08
C LEU B 134 -12.81 5.31 -22.47
N TYR B 135 -13.37 6.44 -22.89
CA TYR B 135 -12.93 7.09 -24.12
C TYR B 135 -12.40 8.47 -23.77
N ILE B 136 -11.16 8.75 -24.17
CA ILE B 136 -10.58 10.08 -24.03
C ILE B 136 -10.49 10.69 -25.41
N TRP B 137 -11.21 11.80 -25.61
CA TRP B 137 -11.21 12.56 -26.85
C TRP B 137 -10.27 13.74 -26.69
N MET B 138 -9.27 13.85 -27.57
CA MET B 138 -8.31 14.94 -27.46
C MET B 138 -8.17 15.69 -28.77
N ASN B 139 -7.58 16.86 -28.67
CA ASN B 139 -7.29 17.71 -29.82
C ASN B 139 -5.89 18.29 -29.69
N ASP B 140 -5.18 18.34 -30.83
CA ASP B 140 -3.84 18.94 -30.91
C ASP B 140 -2.91 18.38 -29.85
N TYR B 141 -2.86 17.05 -29.76
CA TYR B 141 -1.96 16.34 -28.87
C TYR B 141 -1.14 15.38 -29.71
N PRO B 142 -0.26 15.90 -30.58
CA PRO B 142 0.40 15.04 -31.57
C PRO B 142 1.26 13.96 -30.94
N GLU B 143 1.73 14.18 -29.72
CA GLU B 143 2.49 13.16 -29.00
C GLU B 143 1.64 11.91 -28.78
N LYS B 144 0.43 12.08 -28.24
CA LYS B 144 -0.44 10.94 -28.00
C LYS B 144 -1.11 10.44 -29.27
N MET B 145 -1.36 11.34 -30.22
CA MET B 145 -1.78 10.93 -31.56
C MET B 145 -0.83 9.90 -32.14
N ALA B 146 0.47 10.23 -32.15
CA ALA B 146 1.47 9.31 -32.67
C ALA B 146 1.46 7.98 -31.92
N THR B 147 1.36 8.05 -30.59
CA THR B 147 1.31 6.81 -29.79
C THR B 147 0.11 5.96 -30.18
N ALA B 148 -1.07 6.58 -30.27
CA ALA B 148 -2.28 5.83 -30.60
C ALA B 148 -2.22 5.25 -32.01
N MET B 149 -1.57 5.95 -32.93
CA MET B 149 -1.37 5.43 -34.29
C MET B 149 -0.59 4.12 -34.27
N ALA B 150 0.45 4.05 -33.43
CA ALA B 150 1.32 2.88 -33.42
C ALA B 150 0.70 1.70 -32.69
N TRP B 151 -0.09 1.96 -31.65
CA TRP B 151 -0.75 0.89 -30.89
C TRP B 151 -2.03 0.41 -31.55
N CYS B 152 -2.68 1.23 -32.38
CA CYS B 152 -4.02 0.90 -32.88
C CYS B 152 -4.11 0.67 -34.39
N ASP B 153 -3.30 1.37 -35.18
CA ASP B 153 -3.44 1.34 -36.65
C ASP B 153 -2.23 0.65 -37.27
N ASP B 154 -2.07 -0.64 -36.98
CA ASP B 154 -0.95 -1.38 -37.53
C ASP B 154 -1.12 -1.68 -39.01
N LYS B 155 -2.36 -1.72 -39.50
CA LYS B 155 -2.61 -1.88 -40.92
C LYS B 155 -2.43 -0.59 -41.71
N LYS B 156 -2.21 0.53 -41.04
CA LYS B 156 -1.96 1.84 -41.66
C LYS B 156 -3.10 2.21 -42.63
N GLU B 157 -4.29 2.37 -42.05
CA GLU B 157 -5.48 2.69 -42.81
C GLU B 157 -5.95 4.13 -42.68
N LEU B 158 -5.62 4.79 -41.57
CA LEU B 158 -6.24 6.09 -41.26
C LEU B 158 -5.48 7.28 -41.81
N SER B 159 -4.16 7.18 -41.99
CA SER B 159 -3.34 8.39 -42.07
C SER B 159 -3.75 9.29 -43.24
N THR B 160 -4.09 8.70 -44.39
CA THR B 160 -4.49 9.53 -45.53
C THR B 160 -5.79 10.28 -45.27
N LEU B 161 -6.58 9.84 -44.29
CA LEU B 161 -7.89 10.42 -44.01
C LEU B 161 -7.86 11.41 -42.85
N ILE B 162 -6.69 11.73 -42.31
CA ILE B 162 -6.59 12.67 -41.20
C ILE B 162 -6.68 14.09 -41.75
N VAL B 163 -7.73 14.80 -41.38
CA VAL B 163 -7.95 16.17 -41.85
C VAL B 163 -8.05 17.17 -40.72
N ASN B 164 -8.09 16.74 -39.46
CA ASN B 164 -8.01 17.61 -38.30
C ASN B 164 -7.08 16.96 -37.28
N GLN B 165 -6.86 17.65 -36.16
CA GLN B 165 -5.97 17.16 -35.11
C GLN B 165 -6.72 16.54 -33.95
N GLU B 166 -8.01 16.23 -34.12
CA GLU B 166 -8.79 15.57 -33.09
C GLU B 166 -8.69 14.06 -33.24
N PHE B 167 -8.72 13.37 -32.11
CA PHE B 167 -8.67 11.91 -32.15
C PHE B 167 -9.21 11.36 -30.84
N LEU B 168 -9.87 10.21 -30.95
CA LEU B 168 -10.55 9.56 -29.83
C LEU B 168 -9.88 8.22 -29.58
N VAL B 169 -9.53 7.97 -28.32
CA VAL B 169 -8.91 6.72 -27.92
C VAL B 169 -9.83 6.02 -26.94
N GLY B 170 -10.24 4.79 -27.27
CA GLY B 170 -11.10 4.00 -26.40
C GLY B 170 -10.32 2.87 -25.74
N PHE B 171 -10.61 2.63 -24.46
CA PHE B 171 -9.96 1.59 -23.66
C PHE B 171 -11.00 0.59 -23.20
N ASP B 172 -10.91 -0.64 -23.69
CA ASP B 172 -11.78 -1.73 -23.27
C ASP B 172 -11.20 -2.39 -22.01
N PHE B 173 -12.06 -2.62 -21.02
CA PHE B 173 -11.69 -3.36 -19.81
C PHE B 173 -12.69 -4.50 -19.62
N TYR B 174 -12.34 -5.70 -20.09
CA TYR B 174 -13.17 -6.87 -19.89
C TYR B 174 -13.05 -7.37 -18.45
N PHE B 175 -14.12 -7.98 -17.96
CA PHE B 175 -14.18 -8.38 -16.55
C PHE B 175 -13.30 -9.58 -16.22
N ASP B 176 -12.63 -10.17 -17.22
CA ASP B 176 -11.66 -11.23 -16.99
C ASP B 176 -10.22 -10.78 -17.20
N GLY B 177 -9.99 -9.46 -17.29
CA GLY B 177 -8.65 -8.94 -17.44
C GLY B 177 -8.20 -8.73 -18.87
N ARG B 178 -9.01 -9.13 -19.85
CA ARG B 178 -8.72 -8.83 -21.25
C ARG B 178 -8.82 -7.33 -21.47
N THR B 179 -8.03 -6.83 -22.43
CA THR B 179 -7.99 -5.40 -22.71
C THR B 179 -7.91 -5.19 -24.21
N ALA B 180 -8.38 -4.03 -24.64
CA ALA B 180 -8.22 -3.60 -26.02
C ALA B 180 -8.15 -2.08 -26.03
N ILE B 181 -7.57 -1.54 -27.09
CA ILE B 181 -7.46 -0.10 -27.27
C ILE B 181 -7.76 0.22 -28.72
N GLU B 182 -8.62 1.20 -28.94
CA GLU B 182 -9.06 1.59 -30.28
C GLU B 182 -8.80 3.07 -30.49
N LEU B 183 -8.62 3.43 -31.76
CA LEU B 183 -8.42 4.82 -32.16
C LEU B 183 -9.45 5.18 -33.21
N TYR B 184 -10.14 6.31 -33.02
CA TYR B 184 -11.15 6.81 -33.95
C TYR B 184 -10.78 8.21 -34.40
N ILE B 185 -10.79 8.43 -35.72
CA ILE B 185 -10.68 9.76 -36.28
C ILE B 185 -12.03 10.12 -36.89
N SER B 186 -12.24 11.41 -37.10
CA SER B 186 -13.52 11.90 -37.60
C SER B 186 -13.33 12.69 -38.88
N LEU B 187 -14.38 12.71 -39.69
CA LEU B 187 -14.51 13.62 -40.82
C LEU B 187 -15.96 14.09 -40.84
N SER B 188 -16.16 15.40 -40.69
CA SER B 188 -17.51 15.95 -40.77
C SER B 188 -17.89 16.18 -42.23
N SER B 189 -19.15 16.56 -42.46
CA SER B 189 -19.62 16.77 -43.83
C SER B 189 -18.85 17.89 -44.53
N GLU B 190 -18.56 19.00 -43.83
CA GLU B 190 -17.54 19.94 -44.30
C GLU B 190 -16.31 19.29 -44.90
N GLU B 191 -15.69 18.40 -44.16
CA GLU B 191 -14.38 17.90 -44.55
C GLU B 191 -14.49 16.91 -45.71
N PHE B 192 -15.39 15.92 -45.60
CA PHE B 192 -15.37 14.89 -46.64
C PHE B 192 -16.09 15.32 -47.91
N GLN B 193 -16.80 16.44 -47.92
CA GLN B 193 -17.38 16.93 -49.16
C GLN B 193 -16.39 17.68 -50.03
N GLN B 194 -15.22 18.03 -49.49
CA GLN B 194 -14.18 18.64 -50.31
C GLN B 194 -13.64 17.60 -51.30
N THR B 195 -13.50 18.01 -52.56
CA THR B 195 -13.19 17.07 -53.63
C THR B 195 -11.98 16.20 -53.30
N GLN B 196 -10.90 16.83 -52.83
CA GLN B 196 -9.66 16.09 -52.62
C GLN B 196 -9.77 15.13 -51.44
N VAL B 197 -10.49 15.53 -50.40
CA VAL B 197 -10.72 14.60 -49.30
C VAL B 197 -11.58 13.43 -49.76
N TRP B 198 -12.63 13.73 -50.52
CA TRP B 198 -13.50 12.67 -51.04
C TRP B 198 -12.70 11.67 -51.87
N GLU B 199 -11.76 12.15 -52.68
CA GLU B 199 -10.98 11.24 -53.52
C GLU B 199 -10.11 10.32 -52.68
N ARG B 200 -9.51 10.83 -51.60
CA ARG B 200 -8.72 9.97 -50.73
C ARG B 200 -9.59 8.94 -50.03
N LEU B 201 -10.75 9.37 -49.54
CA LEU B 201 -11.70 8.43 -48.94
C LEU B 201 -12.10 7.34 -49.93
N ALA B 202 -12.28 7.72 -51.20
CA ALA B 202 -12.67 6.76 -52.22
C ALA B 202 -11.60 5.69 -52.46
N LYS B 203 -10.35 5.96 -52.11
CA LYS B 203 -9.28 4.97 -52.25
C LYS B 203 -9.12 4.08 -51.04
N VAL B 204 -9.66 4.48 -49.90
CA VAL B 204 -9.46 3.79 -48.63
C VAL B 204 -10.69 2.95 -48.32
N VAL B 205 -11.85 3.42 -48.75
CA VAL B 205 -13.14 2.90 -48.35
C VAL B 205 -13.85 2.35 -49.58
N CYS B 206 -14.44 1.16 -49.44
CA CYS B 206 -15.18 0.56 -50.55
C CYS B 206 -16.39 1.41 -50.91
N ALA B 207 -16.83 1.31 -52.16
CA ALA B 207 -17.97 2.10 -52.62
C ALA B 207 -19.24 1.85 -51.81
N PRO B 208 -19.59 0.61 -51.41
CA PRO B 208 -20.80 0.45 -50.58
C PRO B 208 -20.72 1.18 -49.25
N ALA B 209 -19.51 1.40 -48.72
CA ALA B 209 -19.38 2.20 -47.51
C ALA B 209 -19.37 3.69 -47.85
N LEU B 210 -18.76 4.05 -48.99
CA LEU B 210 -18.75 5.44 -49.46
C LEU B 210 -20.17 5.98 -49.59
N ARG B 211 -21.05 5.19 -50.20
CA ARG B 211 -22.43 5.61 -50.42
C ARG B 211 -23.14 5.99 -49.13
N LEU B 212 -22.82 5.29 -48.03
CA LEU B 212 -23.43 5.60 -46.75
C LEU B 212 -22.84 6.85 -46.10
N VAL B 213 -21.61 7.21 -46.47
CA VAL B 213 -20.98 8.42 -45.92
C VAL B 213 -21.80 9.65 -46.29
N ASN B 214 -22.32 9.67 -47.51
CA ASN B 214 -23.09 10.81 -48.00
C ASN B 214 -24.39 11.01 -47.21
N ASP B 215 -24.86 9.99 -46.51
CA ASP B 215 -26.10 10.07 -45.74
C ASP B 215 -25.88 10.57 -44.31
N CYS B 216 -24.75 11.24 -44.04
CA CYS B 216 -24.35 11.53 -42.66
C CYS B 216 -23.90 12.96 -42.48
N GLN B 217 -24.06 13.46 -41.25
CA GLN B 217 -23.47 14.74 -40.86
C GLN B 217 -21.98 14.62 -40.63
N ALA B 218 -21.52 13.45 -40.19
CA ALA B 218 -20.11 13.18 -40.00
C ALA B 218 -19.92 11.67 -39.98
N ILE B 219 -18.70 11.23 -40.23
CA ILE B 219 -18.34 9.85 -40.00
C ILE B 219 -17.17 9.81 -39.03
N GLN B 220 -17.04 8.67 -38.38
CA GLN B 220 -15.79 8.30 -37.73
C GLN B 220 -15.34 6.96 -38.30
N ILE B 221 -14.04 6.73 -38.20
CA ILE B 221 -13.43 5.47 -38.60
C ILE B 221 -12.58 5.00 -37.43
N GLY B 222 -12.81 3.77 -37.00
CA GLY B 222 -12.09 3.19 -35.86
C GLY B 222 -11.16 2.11 -36.33
N VAL B 223 -9.99 2.01 -35.69
CA VAL B 223 -9.03 0.96 -35.99
C VAL B 223 -8.47 0.40 -34.68
N SER B 224 -8.10 -0.87 -34.71
CA SER B 224 -7.59 -1.57 -33.54
C SER B 224 -6.95 -2.88 -33.99
N ARG B 225 -6.14 -3.46 -33.12
CA ARG B 225 -5.66 -4.81 -33.36
C ARG B 225 -6.71 -5.87 -33.04
N ALA B 226 -7.83 -5.48 -32.42
CA ALA B 226 -8.90 -6.40 -32.10
C ALA B 226 -9.93 -6.53 -33.21
N ASN B 227 -10.03 -5.55 -34.10
CA ASN B 227 -10.89 -5.63 -35.26
C ASN B 227 -10.10 -6.08 -36.48
N ASP B 228 -10.76 -6.82 -37.37
CA ASP B 228 -10.10 -7.32 -38.56
C ASP B 228 -9.99 -6.24 -39.65
N SER B 229 -10.98 -5.35 -39.74
CA SER B 229 -10.96 -4.27 -40.72
C SER B 229 -11.35 -2.97 -40.04
N LYS B 230 -11.38 -1.90 -40.83
CA LYS B 230 -11.87 -0.61 -40.37
C LYS B 230 -13.30 -0.75 -39.88
N ILE B 231 -13.67 0.08 -38.91
CA ILE B 231 -15.05 0.19 -38.45
C ILE B 231 -15.57 1.58 -38.81
N MET B 232 -16.64 1.63 -39.59
CA MET B 232 -17.24 2.90 -39.99
C MET B 232 -18.32 3.30 -39.00
N TYR B 233 -18.26 4.54 -38.54
CA TYR B 233 -19.25 5.10 -37.62
C TYR B 233 -20.02 6.18 -38.37
N TYR B 234 -21.28 5.91 -38.66
CA TYR B 234 -22.11 6.79 -39.49
C TYR B 234 -23.04 7.60 -38.58
N HIS B 235 -22.78 8.90 -38.47
CA HIS B 235 -23.66 9.81 -37.73
C HIS B 235 -24.77 10.24 -38.68
N THR B 236 -25.91 9.57 -38.60
CA THR B 236 -26.94 9.66 -39.64
C THR B 236 -27.66 11.01 -39.61
N LEU B 237 -27.98 11.54 -40.80
CA LEU B 237 -28.89 12.68 -40.90
C LEU B 237 -30.33 12.28 -40.66
N ASN B 238 -30.73 11.10 -41.12
CA ASN B 238 -32.12 10.66 -41.09
C ASN B 238 -32.15 9.24 -40.55
N PRO B 239 -32.34 9.07 -39.25
CA PRO B 239 -32.27 7.71 -38.67
C PRO B 239 -33.24 6.74 -39.30
N ASN B 240 -34.51 7.13 -39.48
CA ASN B 240 -35.50 6.18 -39.96
C ASN B 240 -35.19 5.72 -41.38
N SER B 241 -34.78 6.64 -42.25
CA SER B 241 -34.44 6.24 -43.61
C SER B 241 -33.13 5.45 -43.66
N PHE B 242 -32.17 5.80 -42.80
CA PHE B 242 -30.91 5.06 -42.79
C PHE B 242 -31.13 3.60 -42.40
N ILE B 243 -31.91 3.36 -41.35
CA ILE B 243 -32.16 1.99 -40.93
C ILE B 243 -33.03 1.26 -41.95
N ASP B 244 -34.09 1.93 -42.44
CA ASP B 244 -34.99 1.27 -43.37
C ASP B 244 -34.29 0.88 -44.65
N ASN B 245 -33.33 1.70 -45.11
CA ASN B 245 -32.56 1.38 -46.30
C ASN B 245 -31.36 0.47 -46.02
N LEU B 246 -31.09 0.15 -44.75
CA LEU B 246 -29.89 -0.62 -44.43
C LEU B 246 -30.05 -2.11 -44.70
N GLY B 247 -31.25 -2.66 -44.53
CA GLY B 247 -31.49 -4.04 -44.90
C GLY B 247 -31.12 -5.08 -43.87
N ASN B 248 -31.00 -4.72 -42.59
CA ASN B 248 -30.69 -5.68 -41.54
C ASN B 248 -31.92 -5.87 -40.67
N GLU B 249 -32.43 -7.10 -40.62
CA GLU B 249 -33.69 -7.37 -39.93
C GLU B 249 -33.58 -7.02 -38.44
N MET B 250 -32.50 -7.43 -37.79
CA MET B 250 -32.35 -7.18 -36.36
C MET B 250 -32.35 -5.69 -36.05
N ALA B 251 -31.62 -4.90 -36.85
CA ALA B 251 -31.62 -3.45 -36.64
C ALA B 251 -33.00 -2.86 -36.84
N SER B 252 -33.79 -3.42 -37.77
CA SER B 252 -35.13 -2.90 -37.99
C SER B 252 -36.04 -3.19 -36.80
N ARG B 253 -35.92 -4.38 -36.20
CA ARG B 253 -36.71 -4.67 -35.00
C ARG B 253 -36.27 -3.82 -33.83
N VAL B 254 -34.95 -3.62 -33.68
CA VAL B 254 -34.46 -2.70 -32.67
C VAL B 254 -35.03 -1.31 -32.87
N HIS B 255 -34.92 -0.80 -34.11
CA HIS B 255 -35.42 0.52 -34.42
C HIS B 255 -36.93 0.62 -34.32
N ALA B 256 -37.65 -0.52 -34.29
CA ALA B 256 -39.10 -0.48 -34.18
C ALA B 256 -39.55 0.30 -32.96
N TYR B 257 -38.75 0.31 -31.89
CA TYR B 257 -39.07 1.13 -30.74
C TYR B 257 -38.70 2.59 -30.99
N TYR B 258 -37.45 2.83 -31.39
CA TYR B 258 -36.95 4.19 -31.43
C TYR B 258 -37.49 5.00 -32.60
N ARG B 259 -38.03 4.35 -33.63
CA ARG B 259 -38.50 5.10 -34.80
C ARG B 259 -39.70 5.98 -34.49
N HIS B 260 -40.35 5.79 -33.34
CA HIS B 260 -41.44 6.64 -32.90
C HIS B 260 -41.08 7.48 -31.68
N GLN B 261 -39.80 7.53 -31.32
CA GLN B 261 -39.29 8.29 -30.19
C GLN B 261 -38.48 9.49 -30.68
N PRO B 262 -38.41 10.57 -29.87
CA PRO B 262 -37.69 11.77 -30.31
C PRO B 262 -36.18 11.59 -30.32
N VAL B 263 -35.68 10.79 -31.25
CA VAL B 263 -34.25 10.50 -31.33
C VAL B 263 -33.52 11.77 -31.76
N ARG B 264 -32.57 12.21 -30.95
CA ARG B 264 -31.74 13.34 -31.34
C ARG B 264 -30.64 12.91 -32.29
N SER B 265 -29.99 11.78 -32.01
CA SER B 265 -28.88 11.30 -32.81
C SER B 265 -28.91 9.78 -32.84
N LEU B 266 -28.64 9.22 -34.02
CA LEU B 266 -28.45 7.79 -34.18
C LEU B 266 -27.13 7.57 -34.91
N VAL B 267 -26.22 6.84 -34.27
CA VAL B 267 -24.96 6.44 -34.88
C VAL B 267 -25.03 4.95 -35.14
N VAL B 268 -24.71 4.55 -36.37
CA VAL B 268 -24.64 3.14 -36.75
C VAL B 268 -23.20 2.85 -37.12
N CYS B 269 -22.62 1.85 -36.49
CA CYS B 269 -21.24 1.48 -36.79
C CYS B 269 -21.24 0.12 -37.46
N ILE B 270 -20.52 0.02 -38.58
CA ILE B 270 -20.49 -1.19 -39.39
C ILE B 270 -19.05 -1.49 -39.76
N PRO B 271 -18.58 -2.71 -39.57
CA PRO B 271 -17.28 -3.10 -40.13
C PRO B 271 -17.30 -2.96 -41.64
N GLU B 272 -16.23 -2.41 -42.20
CA GLU B 272 -16.19 -2.13 -43.63
C GLU B 272 -16.48 -3.38 -44.45
N GLN B 273 -16.02 -4.54 -43.98
CA GLN B 273 -16.20 -5.79 -44.71
C GLN B 273 -17.62 -6.32 -44.67
N GLU B 274 -18.43 -5.90 -43.69
CA GLU B 274 -19.84 -6.23 -43.72
C GLU B 274 -20.56 -5.56 -44.88
N LEU B 275 -20.01 -4.47 -45.41
CA LEU B 275 -20.70 -3.68 -46.43
C LEU B 275 -20.48 -4.19 -47.85
N THR B 276 -19.47 -5.05 -48.07
CA THR B 276 -19.33 -5.75 -49.34
C THR B 276 -19.86 -7.17 -49.26
N ALA B 277 -20.29 -7.61 -48.08
CA ALA B 277 -20.81 -8.96 -47.92
C ALA B 277 -22.19 -9.07 -48.56
N ARG B 278 -22.61 -10.31 -48.80
CA ARG B 278 -23.94 -10.58 -49.34
C ARG B 278 -25.02 -9.98 -48.44
N SER B 279 -24.76 -9.87 -47.14
CA SER B 279 -25.68 -9.25 -46.21
C SER B 279 -24.90 -8.74 -45.01
N ILE B 280 -25.43 -7.69 -44.39
CA ILE B 280 -24.84 -7.16 -43.17
C ILE B 280 -25.27 -8.03 -42.00
N GLN B 281 -24.31 -8.55 -41.25
CA GLN B 281 -24.59 -9.38 -40.09
C GLN B 281 -23.96 -8.88 -38.81
N ARG B 282 -23.21 -7.78 -38.84
CA ARG B 282 -22.58 -7.24 -37.64
C ARG B 282 -22.69 -5.72 -37.68
N LEU B 283 -23.23 -5.14 -36.61
CA LEU B 283 -23.31 -3.70 -36.51
C LEU B 283 -23.69 -3.33 -35.08
N ASN B 284 -23.37 -2.09 -34.71
CA ASN B 284 -23.84 -1.50 -33.45
C ASN B 284 -24.70 -0.29 -33.78
N MET B 285 -25.65 0.02 -32.91
CA MET B 285 -26.46 1.22 -33.07
C MET B 285 -26.55 1.97 -31.75
N TYR B 286 -26.34 3.29 -31.81
CA TYR B 286 -26.25 4.14 -30.62
C TYR B 286 -27.30 5.24 -30.74
N TYR B 287 -28.25 5.26 -29.81
CA TYR B 287 -29.30 6.27 -29.76
C TYR B 287 -29.01 7.27 -28.65
N CYS B 288 -29.08 8.55 -28.99
CA CYS B 288 -29.05 9.60 -27.97
C CYS B 288 -30.35 10.38 -28.06
N MET B 289 -30.99 10.57 -26.92
CA MET B 289 -32.26 11.29 -26.84
C MET B 289 -32.13 12.64 -26.17
N ASN B 290 -30.92 13.00 -25.71
CA ASN B 290 -30.72 14.25 -24.99
C ASN B 290 -30.74 15.46 -25.93
N MET C 1 21.67 -27.67 -14.82
CA MET C 1 22.64 -26.59 -14.65
C MET C 1 23.76 -27.02 -13.73
N ILE C 2 24.97 -26.59 -14.04
CA ILE C 2 26.15 -26.92 -13.24
C ILE C 2 26.41 -25.82 -12.24
N ASN C 3 26.81 -26.21 -11.03
CA ASN C 3 27.40 -25.30 -10.06
C ASN C 3 28.90 -25.57 -10.10
N TYR C 4 29.62 -24.71 -10.83
CA TYR C 4 31.00 -24.99 -11.18
C TYR C 4 31.89 -25.05 -9.94
N ALA C 5 32.88 -25.95 -9.97
CA ALA C 5 33.71 -26.19 -8.80
C ALA C 5 34.50 -24.95 -8.41
N ASN C 6 35.00 -24.20 -9.40
CA ASN C 6 35.78 -22.99 -9.13
C ASN C 6 34.81 -21.83 -8.94
N ALA C 7 34.33 -21.67 -7.70
CA ALA C 7 33.31 -20.68 -7.43
C ALA C 7 33.85 -19.25 -7.57
N GLN C 8 35.07 -19.01 -7.12
CA GLN C 8 35.65 -17.67 -7.23
C GLN C 8 35.79 -17.26 -8.69
N LEU C 9 36.27 -18.17 -9.54
CA LEU C 9 36.39 -17.85 -10.96
C LEU C 9 35.02 -17.66 -11.59
N HIS C 10 34.02 -18.43 -11.16
CA HIS C 10 32.71 -18.33 -11.79
C HIS C 10 32.02 -17.02 -11.46
N LYS C 11 32.15 -16.55 -10.21
CA LYS C 11 31.52 -15.27 -9.87
C LYS C 11 32.28 -14.08 -10.43
N SER C 12 33.57 -14.27 -10.78
CA SER C 12 34.28 -13.21 -11.50
C SER C 12 33.79 -13.11 -12.94
N LYS C 13 33.51 -14.25 -13.58
CA LYS C 13 32.88 -14.23 -14.89
C LYS C 13 31.46 -13.70 -14.81
N ASN C 14 30.77 -13.94 -13.69
CA ASN C 14 29.42 -13.41 -13.51
C ASN C 14 29.43 -11.89 -13.55
N LEU C 15 30.29 -11.27 -12.74
CA LEU C 15 30.43 -9.82 -12.78
C LEU C 15 30.86 -9.34 -14.17
N MET C 16 31.64 -10.15 -14.88
CA MET C 16 32.19 -9.71 -16.16
C MET C 16 31.11 -9.72 -17.24
N TYR C 17 30.35 -10.82 -17.35
CA TYR C 17 29.17 -10.85 -18.21
C TYR C 17 28.27 -9.64 -17.95
N MET C 18 28.16 -9.24 -16.69
CA MET C 18 27.38 -8.06 -16.34
C MET C 18 28.05 -6.79 -16.85
N LYS C 19 29.36 -6.67 -16.66
CA LYS C 19 30.08 -5.52 -17.20
C LYS C 19 30.04 -5.52 -18.73
N ALA C 20 30.08 -6.70 -19.34
CA ALA C 20 30.00 -6.79 -20.80
C ALA C 20 28.63 -6.34 -21.30
N HIS C 21 27.56 -6.79 -20.64
CA HIS C 21 26.22 -6.31 -20.99
C HIS C 21 26.09 -4.82 -20.78
N GLU C 22 26.87 -4.27 -19.84
CA GLU C 22 26.90 -2.82 -19.62
C GLU C 22 27.75 -2.13 -20.67
N ASN C 23 28.94 -2.68 -20.94
CA ASN C 23 29.89 -2.04 -21.85
C ASN C 23 29.38 -1.99 -23.29
N ILE C 24 28.41 -2.84 -23.64
CA ILE C 24 27.91 -2.89 -25.00
C ILE C 24 26.71 -1.97 -25.20
N PHE C 25 25.77 -1.96 -24.25
CA PHE C 25 24.55 -1.18 -24.37
C PHE C 25 24.63 0.19 -23.72
N GLU C 26 25.80 0.58 -23.21
CA GLU C 26 26.04 1.89 -22.63
C GLU C 26 25.01 2.22 -21.54
N ILE C 27 25.07 1.46 -20.46
CA ILE C 27 24.08 1.56 -19.38
C ILE C 27 24.74 1.37 -18.02
N GLU C 28 25.95 1.89 -17.84
CA GLU C 28 26.72 1.62 -16.63
C GLU C 28 26.36 2.51 -15.46
N ALA C 29 25.33 3.35 -15.58
CA ALA C 29 25.06 4.37 -14.57
C ALA C 29 23.90 4.04 -13.65
N LEU C 30 22.89 3.34 -14.14
CA LEU C 30 21.59 3.31 -13.47
C LEU C 30 21.68 2.63 -12.11
N TYR C 31 20.62 2.79 -11.32
CA TYR C 31 20.46 2.34 -9.95
C TYR C 31 19.27 1.40 -9.84
N PRO C 32 19.34 0.34 -9.01
CA PRO C 32 20.43 -0.06 -8.12
C PRO C 32 21.34 -1.08 -8.77
N LEU C 33 21.72 -0.80 -10.02
CA LEU C 33 22.47 -1.77 -10.82
C LEU C 33 23.83 -2.06 -10.20
N GLU C 34 24.54 -1.03 -9.77
CA GLU C 34 25.84 -1.25 -9.13
C GLU C 34 25.68 -1.92 -7.78
N LEU C 35 24.54 -1.73 -7.11
CA LEU C 35 24.31 -2.41 -5.84
C LEU C 35 23.83 -3.84 -6.06
N PHE C 36 23.27 -4.13 -7.23
CA PHE C 36 22.90 -5.49 -7.56
C PHE C 36 24.12 -6.36 -7.80
N GLU C 37 25.27 -5.76 -8.17
CA GLU C 37 26.51 -6.52 -8.27
C GLU C 37 26.98 -7.00 -6.91
N ARG C 38 27.02 -6.10 -5.93
CA ARG C 38 27.51 -6.47 -4.61
C ARG C 38 26.69 -7.61 -4.01
N PHE C 39 25.38 -7.58 -4.23
CA PHE C 39 24.56 -8.71 -3.80
C PHE C 39 24.95 -9.98 -4.53
N MET C 40 25.30 -9.87 -5.82
CA MET C 40 25.79 -11.02 -6.58
C MET C 40 27.07 -11.59 -5.97
N GLN C 41 28.09 -10.74 -5.80
CA GLN C 41 29.35 -11.20 -5.26
C GLN C 41 29.26 -11.64 -3.80
N SER C 42 28.18 -11.26 -3.09
CA SER C 42 28.01 -11.71 -1.72
C SER C 42 27.64 -13.18 -1.64
N GLN C 43 27.05 -13.74 -2.69
CA GLN C 43 26.70 -15.15 -2.69
C GLN C 43 27.94 -16.02 -2.88
N THR C 44 27.87 -17.26 -2.39
CA THR C 44 28.96 -18.20 -2.61
C THR C 44 29.16 -18.47 -4.09
N ASP C 45 28.06 -18.65 -4.82
CA ASP C 45 28.05 -18.71 -6.28
C ASP C 45 26.59 -18.65 -6.74
N CYS C 46 26.40 -18.19 -7.96
CA CYS C 46 25.08 -18.16 -8.58
C CYS C 46 25.27 -18.07 -10.09
N SER C 47 24.18 -18.27 -10.82
CA SER C 47 24.16 -18.06 -12.26
C SER C 47 23.47 -16.75 -12.58
N ILE C 48 23.94 -16.08 -13.62
CA ILE C 48 23.41 -14.79 -14.04
C ILE C 48 22.77 -14.93 -15.41
N ASP C 49 21.68 -14.21 -15.61
CA ASP C 49 21.07 -14.03 -16.92
C ASP C 49 21.09 -12.55 -17.25
N CYS C 50 21.58 -12.21 -18.43
CA CYS C 50 21.55 -10.85 -18.93
C CYS C 50 20.41 -10.73 -19.93
N ALA C 51 19.58 -9.71 -19.76
CA ALA C 51 18.32 -9.61 -20.47
C ALA C 51 18.18 -8.25 -21.15
N CYS C 52 17.16 -8.16 -22.01
CA CYS C 52 16.99 -6.98 -22.86
C CYS C 52 15.53 -6.90 -23.26
N LYS C 53 14.83 -5.91 -22.72
CA LYS C 53 13.44 -5.64 -23.08
C LYS C 53 13.37 -4.83 -24.36
N ILE C 54 12.45 -5.20 -25.24
CA ILE C 54 12.20 -4.47 -26.48
C ILE C 54 10.76 -3.97 -26.44
N ASP C 55 10.58 -2.66 -26.62
CA ASP C 55 9.25 -2.04 -26.58
C ASP C 55 9.18 -1.05 -27.74
N GLY C 56 8.73 -1.53 -28.89
CA GLY C 56 8.77 -0.71 -30.09
C GLY C 56 10.21 -0.40 -30.44
N ASP C 57 10.57 0.87 -30.43
CA ASP C 57 11.96 1.29 -30.59
C ASP C 57 12.67 1.46 -29.26
N GLU C 58 11.94 1.50 -28.15
CA GLU C 58 12.57 1.63 -26.84
C GLU C 58 13.35 0.36 -26.50
N LEU C 59 14.53 0.55 -25.91
CA LEU C 59 15.42 -0.54 -25.55
C LEU C 59 15.76 -0.39 -24.08
N TYR C 60 15.49 -1.44 -23.29
CA TYR C 60 15.72 -1.47 -21.86
C TYR C 60 16.68 -2.62 -21.55
N PRO C 61 17.98 -2.39 -21.64
CA PRO C 61 18.95 -3.49 -21.50
C PRO C 61 19.48 -3.73 -20.10
N ALA C 62 19.15 -2.87 -19.12
CA ALA C 62 19.63 -3.03 -17.75
C ALA C 62 18.73 -4.00 -16.97
N ARG C 63 18.69 -5.24 -17.46
CA ARG C 63 17.87 -6.29 -16.89
C ARG C 63 18.76 -7.49 -16.59
N PHE C 64 18.90 -7.84 -15.32
CA PHE C 64 19.70 -8.98 -14.89
C PHE C 64 18.89 -9.83 -13.93
N SER C 65 19.24 -11.12 -13.87
CA SER C 65 18.59 -12.07 -12.98
C SER C 65 19.64 -13.00 -12.39
N LEU C 66 19.41 -13.40 -11.14
CA LEU C 66 20.30 -14.29 -10.41
C LEU C 66 19.56 -15.54 -10.02
N ALA C 67 20.12 -16.71 -10.32
CA ALA C 67 19.61 -17.98 -9.85
C ALA C 67 20.41 -18.39 -8.62
N LEU C 68 19.77 -18.38 -7.46
CA LEU C 68 20.47 -18.67 -6.21
C LEU C 68 20.67 -20.17 -6.07
N TYR C 69 21.91 -20.57 -5.79
CA TYR C 69 22.26 -21.98 -5.73
C TYR C 69 21.86 -22.59 -4.38
N ASN C 70 21.47 -23.86 -4.43
CA ASN C 70 21.20 -24.72 -3.29
C ASN C 70 19.96 -24.32 -2.50
N ASN C 71 18.84 -24.99 -2.77
CA ASN C 71 17.59 -24.71 -2.08
C ASN C 71 17.56 -25.24 -0.66
N GLN C 72 18.64 -25.87 -0.20
CA GLN C 72 18.81 -26.13 1.23
C GLN C 72 18.59 -24.87 2.06
N TYR C 73 18.90 -23.71 1.49
CA TYR C 73 18.88 -22.44 2.20
C TYR C 73 17.85 -21.50 1.60
N ALA C 74 16.73 -22.06 1.14
CA ALA C 74 15.72 -21.25 0.45
C ALA C 74 15.15 -20.16 1.36
N GLU C 75 14.89 -20.49 2.62
CA GLU C 75 14.34 -19.49 3.54
C GLU C 75 15.37 -18.40 3.82
N LYS C 76 16.59 -18.80 4.18
CA LYS C 76 17.67 -17.84 4.33
C LYS C 76 17.79 -16.95 3.10
N GLN C 77 17.70 -17.56 1.91
CA GLN C 77 17.86 -16.81 0.67
C GLN C 77 16.77 -15.75 0.53
N ILE C 78 15.53 -16.10 0.86
CA ILE C 78 14.43 -15.17 0.71
C ILE C 78 14.54 -14.04 1.73
N ARG C 79 14.97 -14.35 2.95
CA ARG C 79 15.16 -13.30 3.95
C ARG C 79 16.33 -12.40 3.59
N GLU C 80 17.41 -12.97 3.05
CA GLU C 80 18.53 -12.17 2.61
C GLU C 80 18.18 -11.32 1.39
N THR C 81 17.30 -11.85 0.53
CA THR C 81 16.84 -11.07 -0.62
C THR C 81 15.96 -9.90 -0.15
N ILE C 82 15.02 -10.18 0.75
CA ILE C 82 14.23 -9.11 1.36
C ILE C 82 15.13 -8.12 2.08
N ASP C 83 16.17 -8.63 2.75
CA ASP C 83 17.15 -7.75 3.37
C ASP C 83 17.88 -6.92 2.33
N PHE C 84 18.02 -7.45 1.11
CA PHE C 84 18.63 -6.69 0.02
C PHE C 84 17.66 -5.66 -0.53
N PHE C 85 16.37 -6.00 -0.63
CA PHE C 85 15.40 -5.02 -1.10
C PHE C 85 15.22 -3.89 -0.09
N HIS C 86 15.27 -4.21 1.20
CA HIS C 86 15.20 -3.16 2.22
C HIS C 86 16.38 -2.21 2.15
N GLN C 87 17.47 -2.61 1.47
CA GLN C 87 18.67 -1.79 1.41
C GLN C 87 18.75 -0.96 0.14
N VAL C 88 18.20 -1.44 -0.97
CA VAL C 88 17.98 -0.54 -2.10
C VAL C 88 16.93 0.50 -1.74
N GLU C 89 16.08 0.21 -0.76
CA GLU C 89 15.07 1.14 -0.26
C GLU C 89 15.68 2.34 0.45
N GLY C 90 17.00 2.34 0.69
CA GLY C 90 17.64 3.46 1.35
C GLY C 90 17.45 4.79 0.65
N ARG C 91 17.17 4.77 -0.65
CA ARG C 91 16.87 5.99 -1.38
C ARG C 91 15.54 6.57 -0.90
N THR C 92 15.51 7.90 -0.73
CA THR C 92 14.34 8.54 -0.14
C THR C 92 13.11 8.41 -1.04
N GLU C 93 13.30 8.51 -2.36
CA GLU C 93 12.18 8.36 -3.29
C GLU C 93 11.78 6.91 -3.49
N VAL C 94 12.74 5.98 -3.40
CA VAL C 94 12.42 4.56 -3.54
C VAL C 94 11.60 4.12 -2.33
N LYS C 95 10.42 3.56 -2.60
CA LYS C 95 9.56 3.02 -1.55
C LYS C 95 8.92 1.74 -2.08
N LEU C 96 9.31 0.60 -1.51
CA LEU C 96 8.78 -0.68 -1.94
C LEU C 96 7.58 -1.07 -1.09
N ASN C 97 6.67 -1.83 -1.69
CA ASN C 97 5.51 -2.37 -1.00
C ASN C 97 5.60 -3.89 -1.03
N TYR C 98 5.54 -4.51 0.15
CA TYR C 98 5.72 -5.95 0.28
C TYR C 98 4.41 -6.67 0.57
N GLN C 99 3.27 -6.02 0.36
CA GLN C 99 1.98 -6.56 0.77
C GLN C 99 1.75 -7.96 0.20
N GLN C 100 1.81 -8.09 -1.13
CA GLN C 100 1.44 -9.35 -1.76
C GLN C 100 2.44 -10.46 -1.41
N LEU C 101 3.73 -10.13 -1.34
CA LEU C 101 4.72 -11.11 -0.89
C LEU C 101 4.38 -11.61 0.51
N GLN C 102 4.12 -10.67 1.43
CA GLN C 102 3.67 -11.04 2.76
C GLN C 102 2.34 -11.78 2.70
N HIS C 103 1.44 -11.34 1.82
CA HIS C 103 0.19 -12.06 1.63
C HIS C 103 0.44 -13.46 1.10
N PHE C 104 1.36 -13.62 0.15
CA PHE C 104 1.64 -14.95 -0.40
C PHE C 104 2.27 -15.85 0.64
N LEU C 105 3.33 -15.39 1.31
CA LEU C 105 4.06 -16.25 2.23
C LEU C 105 3.21 -16.65 3.42
N GLY C 106 2.67 -15.67 4.14
CA GLY C 106 1.90 -15.94 5.34
C GLY C 106 2.78 -16.48 6.45
N ALA C 107 2.14 -16.71 7.60
CA ALA C 107 2.88 -17.17 8.77
C ALA C 107 3.25 -18.65 8.71
N ASP C 108 2.79 -19.39 7.70
CA ASP C 108 2.98 -20.83 7.65
C ASP C 108 3.53 -21.28 6.30
N PHE C 109 4.40 -20.49 5.70
CA PHE C 109 5.00 -20.90 4.43
C PHE C 109 5.87 -22.14 4.63
N ASP C 110 5.68 -23.12 3.76
CA ASP C 110 6.49 -24.34 3.78
C ASP C 110 7.66 -24.13 2.83
N PHE C 111 8.79 -23.70 3.38
CA PHE C 111 9.97 -23.44 2.57
C PHE C 111 10.59 -24.72 2.03
N SER C 112 10.22 -25.89 2.56
CA SER C 112 10.71 -27.15 2.01
C SER C 112 10.16 -27.44 0.62
N LYS C 113 9.19 -26.66 0.15
CA LYS C 113 8.65 -26.80 -1.19
C LYS C 113 9.33 -25.90 -2.21
N VAL C 114 10.13 -24.94 -1.77
CA VAL C 114 10.90 -24.08 -2.67
C VAL C 114 12.02 -24.92 -3.30
N ILE C 115 12.06 -24.95 -4.63
CA ILE C 115 13.15 -25.65 -5.32
C ILE C 115 14.19 -24.68 -5.88
N ARG C 116 13.84 -23.41 -6.07
CA ARG C 116 14.79 -22.41 -6.56
C ARG C 116 14.28 -21.02 -6.24
N ASN C 117 15.20 -20.15 -5.83
CA ASN C 117 14.92 -18.72 -5.70
C ASN C 117 15.74 -17.94 -6.72
N LEU C 118 15.12 -16.92 -7.31
CA LEU C 118 15.79 -16.06 -8.26
C LEU C 118 15.52 -14.60 -7.91
N VAL C 119 16.52 -13.75 -8.16
CA VAL C 119 16.44 -12.33 -7.85
C VAL C 119 16.79 -11.55 -9.11
N GLY C 120 15.99 -10.53 -9.43
CA GLY C 120 16.16 -9.80 -10.66
C GLY C 120 16.10 -8.30 -10.43
N VAL C 121 16.64 -7.57 -11.40
CA VAL C 121 16.57 -6.11 -11.42
C VAL C 121 16.30 -5.64 -12.84
N ASP C 122 15.49 -4.60 -12.97
CA ASP C 122 15.23 -3.95 -14.27
C ASP C 122 15.25 -2.46 -13.97
N ALA C 123 16.42 -1.85 -14.10
CA ALA C 123 16.59 -0.44 -13.82
C ALA C 123 16.08 0.39 -14.99
N ARG C 124 15.30 1.43 -14.69
CA ARG C 124 14.85 2.37 -15.69
C ARG C 124 15.35 3.77 -15.33
N ARG C 125 15.46 4.62 -16.36
CA ARG C 125 15.85 6.01 -16.12
C ARG C 125 14.83 6.73 -15.26
N GLU C 126 13.56 6.38 -15.40
CA GLU C 126 12.49 6.90 -14.55
C GLU C 126 12.37 6.00 -13.33
N LEU C 127 12.55 6.57 -12.14
CA LEU C 127 12.61 5.78 -10.92
C LEU C 127 11.33 4.99 -10.72
N ALA C 128 10.18 5.64 -10.90
CA ALA C 128 8.88 5.03 -10.64
C ALA C 128 8.62 3.80 -11.48
N ASP C 129 9.43 3.56 -12.52
CA ASP C 129 9.28 2.38 -13.35
C ASP C 129 10.37 1.35 -13.12
N SER C 130 11.36 1.65 -12.28
CA SER C 130 12.38 0.65 -11.95
C SER C 130 11.78 -0.43 -11.05
N ARG C 131 12.44 -1.58 -11.02
CA ARG C 131 11.93 -2.74 -10.31
C ARG C 131 13.07 -3.57 -9.74
N VAL C 132 12.86 -4.11 -8.54
CA VAL C 132 13.57 -5.29 -8.07
C VAL C 132 12.61 -6.45 -8.17
N LYS C 133 13.14 -7.66 -8.32
CA LYS C 133 12.33 -8.80 -8.68
C LYS C 133 12.70 -10.00 -7.84
N LEU C 134 11.68 -10.72 -7.35
CA LEU C 134 11.87 -11.97 -6.62
C LEU C 134 10.99 -13.03 -7.27
N TYR C 135 11.57 -14.19 -7.57
CA TYR C 135 10.83 -15.33 -8.07
C TYR C 135 11.03 -16.50 -7.13
N ILE C 136 9.94 -17.18 -6.79
CA ILE C 136 10.00 -18.37 -5.95
C ILE C 136 9.46 -19.53 -6.77
N TRP C 137 10.28 -20.56 -6.94
CA TRP C 137 9.93 -21.75 -7.70
C TRP C 137 9.58 -22.85 -6.71
N MET C 138 8.41 -23.46 -6.88
CA MET C 138 7.94 -24.48 -5.96
C MET C 138 7.47 -25.72 -6.73
N ASN C 139 7.35 -26.83 -5.99
CA ASN C 139 6.87 -28.08 -6.53
C ASN C 139 6.08 -28.80 -5.45
N ASP C 140 5.04 -29.53 -5.88
CA ASP C 140 4.16 -30.27 -4.98
C ASP C 140 3.61 -29.37 -3.88
N TYR C 141 3.04 -28.25 -4.29
CA TYR C 141 2.45 -27.27 -3.37
C TYR C 141 1.10 -26.84 -3.93
N PRO C 142 0.13 -27.75 -3.98
CA PRO C 142 -1.17 -27.41 -4.59
C PRO C 142 -1.93 -26.35 -3.83
N GLU C 143 -1.56 -26.08 -2.58
CA GLU C 143 -2.24 -25.03 -1.81
C GLU C 143 -1.86 -23.65 -2.33
N LYS C 144 -0.56 -23.35 -2.39
CA LYS C 144 -0.12 -22.05 -2.90
C LYS C 144 -0.32 -21.96 -4.40
N MET C 145 -0.36 -23.10 -5.10
CA MET C 145 -0.65 -23.10 -6.53
C MET C 145 -2.05 -22.56 -6.81
N ALA C 146 -3.04 -23.02 -6.04
CA ALA C 146 -4.40 -22.54 -6.24
C ALA C 146 -4.54 -21.08 -5.82
N THR C 147 -3.74 -20.62 -4.87
CA THR C 147 -3.74 -19.20 -4.53
C THR C 147 -3.18 -18.36 -5.67
N ALA C 148 -2.15 -18.89 -6.36
CA ALA C 148 -1.56 -18.15 -7.47
C ALA C 148 -2.51 -18.09 -8.66
N MET C 149 -3.22 -19.19 -8.94
CA MET C 149 -4.22 -19.16 -10.00
C MET C 149 -5.30 -18.13 -9.71
N ALA C 150 -5.72 -18.02 -8.46
CA ALA C 150 -6.76 -17.04 -8.11
C ALA C 150 -6.26 -15.62 -8.26
N TRP C 151 -4.98 -15.38 -8.03
CA TRP C 151 -4.43 -14.03 -8.07
C TRP C 151 -3.79 -13.65 -9.41
N CYS C 152 -3.49 -14.63 -10.27
CA CYS C 152 -2.78 -14.35 -11.51
C CYS C 152 -3.52 -14.83 -12.74
N ASP C 153 -4.17 -15.99 -12.68
CA ASP C 153 -4.90 -16.55 -13.82
C ASP C 153 -6.23 -15.79 -13.96
N ASP C 154 -6.11 -14.55 -14.42
CA ASP C 154 -7.26 -13.65 -14.49
C ASP C 154 -8.38 -14.28 -15.32
N LYS C 155 -8.09 -14.59 -16.58
CA LYS C 155 -9.06 -15.20 -17.48
C LYS C 155 -9.14 -16.71 -17.32
N LYS C 156 -8.45 -17.28 -16.34
CA LYS C 156 -8.51 -18.71 -16.03
C LYS C 156 -8.26 -19.55 -17.27
N GLU C 157 -7.00 -19.54 -17.70
CA GLU C 157 -6.62 -20.13 -18.99
C GLU C 157 -5.53 -21.18 -18.86
N LEU C 158 -5.11 -21.54 -17.65
CA LEU C 158 -3.98 -22.44 -17.46
C LEU C 158 -4.37 -23.85 -17.03
N SER C 159 -5.61 -24.09 -16.62
CA SER C 159 -6.00 -25.41 -16.16
C SER C 159 -5.84 -26.47 -17.25
N THR C 160 -6.05 -26.08 -18.51
CA THR C 160 -5.94 -26.99 -19.64
C THR C 160 -4.50 -27.33 -20.01
N LEU C 161 -3.51 -26.77 -19.32
CA LEU C 161 -2.11 -26.99 -19.68
C LEU C 161 -1.24 -27.43 -18.51
N ILE C 162 -1.83 -27.68 -17.34
CA ILE C 162 -1.06 -28.06 -16.16
C ILE C 162 -0.84 -29.57 -16.20
N VAL C 163 0.41 -30.00 -16.14
CA VAL C 163 0.72 -31.41 -16.27
C VAL C 163 1.62 -31.86 -15.12
N ASN C 164 2.67 -31.10 -14.85
CA ASN C 164 3.55 -31.37 -13.73
C ASN C 164 3.08 -30.59 -12.49
N GLN C 165 3.80 -30.73 -11.39
CA GLN C 165 3.42 -30.08 -10.15
C GLN C 165 4.29 -28.88 -9.82
N GLU C 166 5.11 -28.43 -10.78
CA GLU C 166 5.96 -27.27 -10.59
C GLU C 166 5.24 -25.99 -11.03
N PHE C 167 5.50 -24.90 -10.30
CA PHE C 167 5.00 -23.60 -10.70
C PHE C 167 5.93 -22.53 -10.13
N LEU C 168 6.01 -21.41 -10.84
CA LEU C 168 6.87 -20.30 -10.47
C LEU C 168 6.01 -19.07 -10.18
N VAL C 169 6.30 -18.40 -9.08
CA VAL C 169 5.57 -17.20 -8.67
C VAL C 169 6.57 -16.05 -8.63
N GLY C 170 6.30 -15.00 -9.38
CA GLY C 170 7.19 -13.85 -9.51
C GLY C 170 6.62 -12.64 -8.83
N PHE C 171 7.47 -11.91 -8.10
CA PHE C 171 7.06 -10.73 -7.36
C PHE C 171 7.80 -9.51 -7.91
N ASP C 172 7.04 -8.52 -8.37
CA ASP C 172 7.58 -7.26 -8.88
C ASP C 172 7.43 -6.18 -7.83
N PHE C 173 8.52 -5.48 -7.54
CA PHE C 173 8.54 -4.39 -6.57
C PHE C 173 8.96 -3.12 -7.31
N TYR C 174 7.98 -2.37 -7.81
CA TYR C 174 8.29 -1.08 -8.42
C TYR C 174 8.76 -0.11 -7.35
N PHE C 175 9.63 0.82 -7.77
CA PHE C 175 10.26 1.73 -6.83
C PHE C 175 9.31 2.84 -6.34
N ASP C 176 8.06 2.86 -6.80
CA ASP C 176 7.09 3.86 -6.38
C ASP C 176 5.90 3.23 -5.64
N GLY C 177 6.05 1.99 -5.17
CA GLY C 177 5.01 1.31 -4.43
C GLY C 177 4.16 0.37 -5.26
N ARG C 178 4.23 0.44 -6.58
CA ARG C 178 3.48 -0.50 -7.41
C ARG C 178 4.03 -1.91 -7.23
N THR C 179 3.12 -2.88 -7.25
CA THR C 179 3.50 -4.27 -7.02
C THR C 179 2.70 -5.17 -7.97
N ALA C 180 3.38 -6.16 -8.53
CA ALA C 180 2.75 -7.12 -9.42
C ALA C 180 3.22 -8.53 -9.08
N ILE C 181 2.33 -9.50 -9.26
CA ILE C 181 2.64 -10.91 -9.12
C ILE C 181 2.30 -11.63 -10.41
N GLU C 182 3.04 -12.69 -10.69
CA GLU C 182 2.91 -13.43 -11.93
C GLU C 182 3.09 -14.91 -11.64
N LEU C 183 2.27 -15.75 -12.27
CA LEU C 183 2.38 -17.19 -12.13
C LEU C 183 2.81 -17.78 -13.47
N TYR C 184 3.88 -18.55 -13.46
CA TYR C 184 4.39 -19.22 -14.64
C TYR C 184 4.34 -20.73 -14.44
N ILE C 185 3.89 -21.44 -15.47
CA ILE C 185 4.00 -22.89 -15.53
C ILE C 185 4.93 -23.25 -16.69
N SER C 186 5.38 -24.50 -16.70
CA SER C 186 6.39 -24.94 -17.64
C SER C 186 5.95 -26.21 -18.36
N LEU C 187 6.29 -26.29 -19.65
CA LEU C 187 6.02 -27.46 -20.49
C LEU C 187 7.32 -27.84 -21.17
N SER C 188 7.88 -29.00 -20.82
CA SER C 188 9.08 -29.44 -21.50
C SER C 188 8.73 -30.00 -22.88
N SER C 189 9.77 -30.15 -23.71
CA SER C 189 9.57 -30.72 -25.04
C SER C 189 9.00 -32.13 -24.95
N GLU C 190 9.49 -32.94 -24.01
CA GLU C 190 8.93 -34.28 -23.83
C GLU C 190 7.46 -34.21 -23.41
N GLU C 191 7.05 -33.11 -22.78
CA GLU C 191 5.67 -33.00 -22.33
C GLU C 191 4.73 -32.58 -23.46
N PHE C 192 5.14 -31.64 -24.31
CA PHE C 192 4.25 -31.18 -25.37
C PHE C 192 4.50 -31.85 -26.72
N GLN C 193 5.42 -32.81 -26.80
CA GLN C 193 5.61 -33.56 -28.02
C GLN C 193 4.67 -34.74 -28.15
N GLN C 194 4.05 -35.17 -27.06
CA GLN C 194 3.03 -36.20 -27.13
C GLN C 194 1.71 -35.62 -27.62
N THR C 195 0.96 -36.43 -28.35
CA THR C 195 -0.16 -35.93 -29.15
C THR C 195 -1.24 -35.26 -28.29
N GLN C 196 -1.40 -35.70 -27.04
CA GLN C 196 -2.45 -35.13 -26.21
C GLN C 196 -2.15 -33.69 -25.82
N VAL C 197 -0.96 -33.46 -25.24
CA VAL C 197 -0.64 -32.11 -24.76
C VAL C 197 -0.55 -31.14 -25.92
N TRP C 198 -0.03 -31.58 -27.07
CA TRP C 198 0.07 -30.72 -28.24
C TRP C 198 -1.30 -30.27 -28.72
N GLU C 199 -2.29 -31.16 -28.64
CA GLU C 199 -3.64 -30.80 -29.09
C GLU C 199 -4.30 -29.82 -28.13
N ARG C 200 -4.08 -30.00 -26.82
CA ARG C 200 -4.58 -29.03 -25.85
C ARG C 200 -3.82 -27.70 -25.95
N LEU C 201 -2.54 -27.76 -26.34
CA LEU C 201 -1.75 -26.54 -26.51
C LEU C 201 -2.30 -25.67 -27.63
N ALA C 202 -2.77 -26.29 -28.72
CA ALA C 202 -3.29 -25.56 -29.87
C ALA C 202 -4.70 -25.01 -29.64
N LYS C 203 -5.25 -25.18 -28.43
CA LYS C 203 -6.61 -24.74 -28.13
C LYS C 203 -6.66 -23.50 -27.25
N VAL C 204 -5.52 -23.04 -26.73
CA VAL C 204 -5.50 -21.90 -25.82
C VAL C 204 -4.60 -20.80 -26.38
N VAL C 205 -3.57 -21.20 -27.13
CA VAL C 205 -2.67 -20.25 -27.77
C VAL C 205 -2.93 -20.25 -29.27
N CYS C 206 -2.58 -19.14 -29.91
CA CYS C 206 -2.85 -18.98 -31.32
C CYS C 206 -1.82 -19.72 -32.17
N ALA C 207 -2.14 -19.87 -33.45
CA ALA C 207 -1.25 -20.57 -34.37
C ALA C 207 0.14 -19.97 -34.44
N PRO C 208 0.33 -18.65 -34.61
CA PRO C 208 1.69 -18.13 -34.73
C PRO C 208 2.54 -18.32 -33.49
N ALA C 209 1.93 -18.60 -32.33
CA ALA C 209 2.71 -18.96 -31.15
C ALA C 209 3.09 -20.43 -31.17
N LEU C 210 2.30 -21.27 -31.83
CA LEU C 210 2.54 -22.71 -31.84
C LEU C 210 3.78 -23.06 -32.66
N ARG C 211 3.96 -22.41 -33.82
CA ARG C 211 5.12 -22.71 -34.65
C ARG C 211 6.42 -22.40 -33.93
N LEU C 212 6.39 -21.47 -32.97
CA LEU C 212 7.58 -21.18 -32.18
C LEU C 212 7.75 -22.18 -31.04
N VAL C 213 6.65 -22.80 -30.58
CA VAL C 213 6.74 -23.75 -29.48
C VAL C 213 7.55 -24.98 -29.90
N ASN C 214 7.29 -25.50 -31.10
CA ASN C 214 7.99 -26.68 -31.58
C ASN C 214 9.48 -26.42 -31.84
N ASP C 215 9.92 -25.16 -31.76
CA ASP C 215 11.33 -24.81 -31.91
C ASP C 215 11.97 -24.50 -30.56
N CYS C 216 11.61 -25.25 -29.51
CA CYS C 216 12.14 -25.03 -28.17
C CYS C 216 12.34 -26.35 -27.46
N GLN C 217 13.26 -26.33 -26.49
CA GLN C 217 13.40 -27.45 -25.56
C GLN C 217 12.31 -27.45 -24.49
N ALA C 218 11.71 -26.29 -24.23
CA ALA C 218 10.61 -26.16 -23.27
C ALA C 218 9.98 -24.80 -23.48
N ILE C 219 8.76 -24.65 -22.97
CA ILE C 219 8.09 -23.36 -22.95
C ILE C 219 7.56 -23.07 -21.56
N GLN C 220 7.40 -21.79 -21.27
CA GLN C 220 6.70 -21.32 -20.08
C GLN C 220 5.57 -20.38 -20.52
N ILE C 221 4.51 -20.35 -19.73
CA ILE C 221 3.40 -19.41 -19.94
C ILE C 221 3.19 -18.68 -18.62
N GLY C 222 3.27 -17.35 -18.66
CA GLY C 222 3.08 -16.52 -17.49
C GLY C 222 1.81 -15.71 -17.60
N VAL C 223 1.03 -15.70 -16.51
CA VAL C 223 -0.18 -14.91 -16.44
C VAL C 223 -0.08 -13.99 -15.23
N SER C 224 -0.65 -12.79 -15.37
CA SER C 224 -0.61 -11.78 -14.33
C SER C 224 -1.78 -10.84 -14.52
N ARG C 225 -2.16 -10.17 -13.44
CA ARG C 225 -3.14 -9.09 -13.55
C ARG C 225 -2.52 -7.84 -14.16
N ALA C 226 -1.21 -7.83 -14.41
CA ALA C 226 -0.52 -6.73 -15.06
C ALA C 226 -0.07 -7.06 -16.47
N ASN C 227 -0.37 -8.26 -16.96
CA ASN C 227 -0.05 -8.66 -18.33
C ASN C 227 -1.29 -8.46 -19.21
N ASP C 228 -1.10 -7.79 -20.35
CA ASP C 228 -2.23 -7.57 -21.26
C ASP C 228 -2.79 -8.89 -21.79
N SER C 229 -1.93 -9.89 -22.00
CA SER C 229 -2.36 -11.21 -22.42
C SER C 229 -1.39 -12.23 -21.84
N LYS C 230 -1.64 -13.50 -22.15
CA LYS C 230 -0.69 -14.55 -21.77
C LYS C 230 0.65 -14.31 -22.45
N ILE C 231 1.73 -14.55 -21.72
CA ILE C 231 3.07 -14.25 -22.18
C ILE C 231 3.84 -15.56 -22.34
N MET C 232 4.45 -15.75 -23.50
CA MET C 232 5.06 -17.01 -23.89
C MET C 232 6.57 -16.93 -23.68
N TYR C 233 7.13 -17.92 -23.00
CA TYR C 233 8.58 -18.00 -22.78
C TYR C 233 9.13 -19.17 -23.59
N TYR C 234 10.00 -18.85 -24.56
CA TYR C 234 10.48 -19.83 -25.52
C TYR C 234 11.94 -20.14 -25.23
N HIS C 235 12.20 -21.33 -24.67
CA HIS C 235 13.55 -21.80 -24.42
C HIS C 235 14.06 -22.45 -25.71
N THR C 236 14.72 -21.64 -26.53
CA THR C 236 15.01 -22.02 -27.91
C THR C 236 16.06 -23.13 -27.98
N LEU C 237 15.93 -23.97 -29.02
CA LEU C 237 16.94 -24.99 -29.30
C LEU C 237 18.15 -24.38 -30.00
N ASN C 238 17.91 -23.56 -31.02
CA ASN C 238 18.97 -22.90 -31.78
C ASN C 238 18.76 -21.40 -31.67
N PRO C 239 19.50 -20.70 -30.80
CA PRO C 239 19.30 -19.25 -30.67
C PRO C 239 19.59 -18.49 -31.95
N ASN C 240 20.58 -18.91 -32.73
CA ASN C 240 20.87 -18.23 -33.98
C ASN C 240 19.72 -18.38 -34.97
N SER C 241 19.13 -19.58 -35.03
CA SER C 241 18.03 -19.82 -35.96
C SER C 241 16.72 -19.19 -35.50
N PHE C 242 16.48 -19.16 -34.19
CA PHE C 242 15.24 -18.59 -33.67
C PHE C 242 15.19 -17.08 -33.86
N ILE C 243 16.34 -16.41 -33.78
CA ILE C 243 16.39 -14.95 -33.84
C ILE C 243 16.43 -14.48 -35.29
N ASP C 244 17.30 -15.08 -36.11
CA ASP C 244 17.36 -14.73 -37.53
C ASP C 244 15.98 -14.85 -38.17
N ASN C 245 15.21 -15.86 -37.78
CA ASN C 245 13.88 -16.10 -38.31
C ASN C 245 12.78 -15.44 -37.48
N LEU C 246 13.14 -14.72 -36.42
CA LEU C 246 12.13 -14.07 -35.59
C LEU C 246 11.44 -12.94 -36.35
N GLY C 247 12.21 -12.11 -37.04
CA GLY C 247 11.67 -11.04 -37.83
C GLY C 247 11.62 -9.67 -37.17
N ASN C 248 12.18 -9.54 -35.97
CA ASN C 248 12.23 -8.25 -35.27
C ASN C 248 13.60 -7.64 -35.47
N GLU C 249 13.64 -6.37 -35.89
CA GLU C 249 14.91 -5.73 -36.20
C GLU C 249 15.74 -5.50 -34.95
N MET C 250 15.09 -5.15 -33.83
CA MET C 250 15.85 -4.86 -32.61
C MET C 250 16.41 -6.14 -32.00
N ALA C 251 15.66 -7.24 -32.05
CA ALA C 251 16.13 -8.49 -31.46
C ALA C 251 17.34 -9.03 -32.22
N SER C 252 17.33 -8.95 -33.54
CA SER C 252 18.42 -9.53 -34.31
C SER C 252 19.72 -8.76 -34.15
N ARG C 253 19.64 -7.44 -33.89
CA ARG C 253 20.86 -6.69 -33.65
C ARG C 253 21.32 -6.81 -32.21
N VAL C 254 20.40 -7.07 -31.27
CA VAL C 254 20.81 -7.45 -29.93
C VAL C 254 21.55 -8.78 -29.97
N HIS C 255 21.00 -9.75 -30.71
CA HIS C 255 21.63 -11.06 -30.84
C HIS C 255 22.90 -11.01 -31.68
N ALA C 256 23.11 -9.93 -32.45
CA ALA C 256 24.33 -9.83 -33.24
C ALA C 256 25.58 -9.82 -32.37
N TYR C 257 25.48 -9.27 -31.15
CA TYR C 257 26.60 -9.20 -30.23
C TYR C 257 26.72 -10.46 -29.37
N TYR C 258 25.60 -10.99 -28.89
CA TYR C 258 25.60 -12.21 -28.12
C TYR C 258 25.76 -13.46 -28.98
N ARG C 259 25.85 -13.29 -30.30
CA ARG C 259 26.06 -14.39 -31.22
C ARG C 259 27.39 -15.09 -31.00
N HIS C 260 28.32 -14.48 -30.25
CA HIS C 260 29.69 -14.95 -30.15
C HIS C 260 30.12 -15.07 -28.70
N GLN C 261 29.25 -15.57 -27.84
CA GLN C 261 29.55 -15.66 -26.40
C GLN C 261 28.88 -16.89 -25.80
N PRO C 262 29.34 -17.34 -24.61
CA PRO C 262 28.78 -18.54 -23.97
C PRO C 262 27.34 -18.45 -23.51
N VAL C 263 26.36 -18.62 -24.38
CA VAL C 263 24.98 -18.67 -23.93
C VAL C 263 24.64 -20.13 -23.65
N ARG C 264 24.40 -20.46 -22.37
CA ARG C 264 23.90 -21.79 -22.05
C ARG C 264 22.47 -21.97 -22.54
N SER C 265 21.69 -20.88 -22.55
CA SER C 265 20.31 -20.93 -23.00
C SER C 265 19.84 -19.52 -23.29
N LEU C 266 19.08 -19.38 -24.38
CA LEU C 266 18.44 -18.12 -24.74
C LEU C 266 16.94 -18.34 -24.73
N VAL C 267 16.24 -17.51 -23.96
CA VAL C 267 14.80 -17.59 -23.79
C VAL C 267 14.18 -16.30 -24.34
N VAL C 268 13.18 -16.44 -25.19
CA VAL C 268 12.49 -15.29 -25.79
C VAL C 268 11.10 -15.19 -25.20
N CYS C 269 10.78 -14.02 -24.69
CA CYS C 269 9.53 -13.73 -24.00
C CYS C 269 8.67 -12.83 -24.85
N ILE C 270 7.52 -13.35 -25.31
CA ILE C 270 6.65 -12.60 -26.20
C ILE C 270 5.20 -12.68 -25.71
N PRO C 271 4.52 -11.56 -25.53
CA PRO C 271 3.06 -11.63 -25.36
C PRO C 271 2.43 -12.26 -26.59
N GLU C 272 1.41 -13.10 -26.38
CA GLU C 272 0.81 -13.79 -27.52
C GLU C 272 0.19 -12.81 -28.49
N GLN C 273 -0.34 -11.68 -28.00
CA GLN C 273 -0.89 -10.68 -28.90
C GLN C 273 0.15 -10.13 -29.85
N GLU C 274 1.41 -10.03 -29.41
CA GLU C 274 2.48 -9.54 -30.28
C GLU C 274 2.70 -10.47 -31.46
N LEU C 275 2.41 -11.76 -31.30
CA LEU C 275 2.55 -12.73 -32.38
C LEU C 275 1.36 -12.75 -33.32
N THR C 276 0.26 -12.09 -32.95
CA THR C 276 -0.93 -11.97 -33.78
C THR C 276 -0.88 -10.72 -34.66
N ALA C 277 -0.34 -9.63 -34.13
CA ALA C 277 -0.28 -8.37 -34.86
C ALA C 277 0.59 -8.51 -36.11
N ARG C 278 0.48 -7.52 -36.99
CA ARG C 278 1.27 -7.50 -38.22
C ARG C 278 2.75 -7.32 -37.98
N SER C 279 3.16 -7.05 -36.75
CA SER C 279 4.58 -6.92 -36.42
C SER C 279 4.76 -7.25 -34.94
N ILE C 280 5.98 -7.60 -34.58
CA ILE C 280 6.34 -7.89 -33.20
C ILE C 280 6.92 -6.62 -32.60
N GLN C 281 6.17 -6.00 -31.67
CA GLN C 281 6.57 -4.74 -31.08
C GLN C 281 7.04 -4.85 -29.63
N ARG C 282 6.80 -5.98 -28.97
CA ARG C 282 7.23 -6.18 -27.60
C ARG C 282 7.78 -7.59 -27.43
N LEU C 283 8.97 -7.70 -26.85
CA LEU C 283 9.53 -9.01 -26.51
C LEU C 283 10.66 -8.82 -25.50
N ASN C 284 11.05 -9.93 -24.86
CA ASN C 284 12.19 -9.97 -23.95
C ASN C 284 13.10 -11.12 -24.36
N MET C 285 14.40 -10.92 -24.25
CA MET C 285 15.38 -11.98 -24.48
C MET C 285 16.28 -12.10 -23.27
N TYR C 286 16.41 -13.32 -22.75
CA TYR C 286 17.26 -13.60 -21.60
C TYR C 286 18.36 -14.55 -22.02
N TYR C 287 19.61 -14.09 -21.94
CA TYR C 287 20.77 -14.95 -22.18
C TYR C 287 21.22 -15.52 -20.85
N CYS C 288 21.01 -16.82 -20.66
CA CYS C 288 21.45 -17.51 -19.46
C CYS C 288 22.90 -17.95 -19.67
N MET C 289 23.81 -17.39 -18.90
CA MET C 289 25.24 -17.63 -19.05
C MET C 289 25.67 -18.82 -18.18
N ASN C 290 26.70 -19.51 -18.64
CA ASN C 290 27.29 -20.62 -17.87
C ASN C 290 27.71 -20.16 -16.49
N LYS D 11 17.95 -32.14 20.90
CA LYS D 11 17.10 -31.42 21.84
C LYS D 11 17.53 -29.97 21.96
N SER D 12 16.63 -29.12 22.45
CA SER D 12 16.87 -27.68 22.52
C SER D 12 17.02 -27.25 23.98
N LYS D 13 18.23 -26.83 24.35
CA LYS D 13 18.47 -26.33 25.70
C LYS D 13 17.60 -25.10 25.99
N ASN D 14 17.46 -24.21 25.01
CA ASN D 14 16.64 -23.02 25.22
C ASN D 14 15.19 -23.40 25.54
N LEU D 15 14.68 -24.45 24.88
CA LEU D 15 13.32 -24.88 25.15
C LEU D 15 13.21 -25.53 26.51
N MET D 16 14.21 -26.34 26.88
CA MET D 16 14.19 -26.97 28.20
C MET D 16 14.19 -25.94 29.32
N TYR D 17 14.97 -24.86 29.16
CA TYR D 17 15.02 -23.83 30.20
C TYR D 17 13.69 -23.10 30.33
N MET D 18 13.06 -22.75 29.20
CA MET D 18 11.76 -22.12 29.26
C MET D 18 10.73 -23.02 29.93
N LYS D 19 10.70 -24.30 29.53
CA LYS D 19 9.69 -25.23 30.05
C LYS D 19 9.85 -25.45 31.55
N ALA D 20 11.09 -25.57 32.02
CA ALA D 20 11.31 -25.74 33.45
C ALA D 20 10.84 -24.54 34.23
N HIS D 21 11.08 -23.33 33.70
CA HIS D 21 10.58 -22.12 34.32
C HIS D 21 9.06 -22.11 34.35
N GLU D 22 8.44 -22.55 33.25
CA GLU D 22 6.98 -22.63 33.22
C GLU D 22 6.46 -23.70 34.17
N ASN D 23 7.14 -24.83 34.25
CA ASN D 23 6.70 -25.90 35.14
C ASN D 23 6.80 -25.49 36.60
N ILE D 24 7.86 -24.76 36.95
CA ILE D 24 8.07 -24.37 38.34
C ILE D 24 7.00 -23.39 38.79
N PHE D 25 6.58 -22.48 37.91
CA PHE D 25 5.61 -21.47 38.26
C PHE D 25 4.22 -21.74 37.69
N GLU D 26 4.03 -22.86 36.99
CA GLU D 26 2.73 -23.29 36.47
C GLU D 26 2.09 -22.20 35.60
N ILE D 27 2.77 -21.85 34.50
CA ILE D 27 2.35 -20.76 33.64
C ILE D 27 2.41 -21.16 32.17
N GLU D 28 2.24 -22.45 31.89
CA GLU D 28 2.55 -22.96 30.56
C GLU D 28 1.55 -22.56 29.47
N ALA D 29 0.42 -21.94 29.82
CA ALA D 29 -0.68 -21.80 28.86
C ALA D 29 -1.04 -20.36 28.51
N LEU D 30 -0.23 -19.38 28.90
CA LEU D 30 -0.58 -17.99 28.60
C LEU D 30 -0.23 -17.62 27.17
N TYR D 31 -1.06 -16.76 26.59
CA TYR D 31 -0.73 -16.17 25.30
C TYR D 31 0.33 -15.08 25.49
N PRO D 32 1.36 -15.03 24.61
CA PRO D 32 1.61 -15.89 23.46
C PRO D 32 2.84 -16.76 23.66
N LEU D 33 2.88 -17.51 24.76
CA LEU D 33 4.09 -18.26 25.10
C LEU D 33 4.40 -19.30 24.04
N GLU D 34 3.38 -19.98 23.50
CA GLU D 34 3.63 -20.99 22.47
C GLU D 34 4.16 -20.33 21.19
N LEU D 35 3.62 -19.17 20.82
CA LEU D 35 4.16 -18.45 19.67
C LEU D 35 5.60 -18.01 19.94
N PHE D 36 5.91 -17.62 21.17
CA PHE D 36 7.27 -17.26 21.53
C PHE D 36 8.20 -18.46 21.40
N GLU D 37 7.77 -19.64 21.86
CA GLU D 37 8.59 -20.84 21.77
C GLU D 37 8.98 -21.14 20.33
N ARG D 38 8.03 -21.04 19.41
CA ARG D 38 8.34 -21.31 18.01
C ARG D 38 9.27 -20.25 17.44
N PHE D 39 9.07 -18.99 17.82
CA PHE D 39 10.03 -17.95 17.44
C PHE D 39 11.44 -18.30 17.94
N MET D 40 11.56 -18.76 19.18
CA MET D 40 12.87 -19.22 19.69
C MET D 40 13.50 -20.25 18.77
N GLN D 41 12.79 -21.37 18.57
CA GLN D 41 13.32 -22.47 17.77
C GLN D 41 13.67 -22.04 16.36
N SER D 42 13.10 -20.93 15.89
CA SER D 42 13.42 -20.41 14.57
C SER D 42 14.70 -19.58 14.56
N GLN D 43 15.30 -19.33 15.71
CA GLN D 43 16.53 -18.55 15.76
C GLN D 43 17.74 -19.47 15.89
N THR D 44 18.84 -19.06 15.26
CA THR D 44 19.99 -19.93 15.08
C THR D 44 21.14 -19.66 16.05
N ASP D 45 21.15 -18.50 16.71
CA ASP D 45 22.34 -18.15 17.49
C ASP D 45 21.88 -17.31 18.69
N CYS D 46 21.14 -17.94 19.60
CA CYS D 46 20.49 -17.19 20.66
C CYS D 46 20.53 -17.94 21.98
N SER D 47 20.40 -17.17 23.07
CA SER D 47 20.29 -17.70 24.41
C SER D 47 19.03 -17.10 25.04
N ILE D 48 18.50 -17.80 26.05
CA ILE D 48 17.25 -17.40 26.69
C ILE D 48 17.54 -16.98 28.12
N ASP D 49 16.83 -15.95 28.57
CA ASP D 49 16.78 -15.55 29.97
C ASP D 49 15.38 -15.79 30.48
N CYS D 50 15.28 -16.38 31.67
CA CYS D 50 14.00 -16.60 32.34
C CYS D 50 13.93 -15.66 33.53
N ALA D 51 12.80 -14.98 33.69
CA ALA D 51 12.74 -13.87 34.64
C ALA D 51 11.46 -13.94 35.46
N CYS D 52 11.49 -13.26 36.61
CA CYS D 52 10.32 -13.03 37.44
C CYS D 52 10.27 -11.58 37.89
N LYS D 53 9.11 -10.96 37.75
CA LYS D 53 8.87 -9.64 38.30
C LYS D 53 8.11 -9.76 39.62
N ILE D 54 8.55 -8.98 40.60
CA ILE D 54 7.96 -8.98 41.94
C ILE D 54 7.39 -7.60 42.22
N ASP D 55 6.13 -7.56 42.65
CA ASP D 55 5.44 -6.31 42.98
C ASP D 55 4.66 -6.58 44.26
N GLY D 56 5.25 -6.25 45.39
CA GLY D 56 4.66 -6.57 46.68
C GLY D 56 4.51 -8.06 46.87
N ASP D 57 3.27 -8.52 47.01
CA ASP D 57 2.98 -9.95 47.09
C ASP D 57 2.64 -10.55 45.73
N GLU D 58 2.68 -9.76 44.66
CA GLU D 58 2.36 -10.25 43.32
C GLU D 58 3.63 -10.71 42.61
N LEU D 59 3.52 -11.84 41.91
CA LEU D 59 4.62 -12.43 41.17
C LEU D 59 4.19 -12.64 39.73
N TYR D 60 5.01 -12.18 38.80
CA TYR D 60 4.74 -12.34 37.36
C TYR D 60 5.90 -13.11 36.75
N PRO D 61 5.78 -14.43 36.60
CA PRO D 61 6.93 -15.27 36.20
C PRO D 61 7.04 -15.58 34.72
N ALA D 62 6.06 -15.19 33.90
CA ALA D 62 6.07 -15.54 32.48
C ALA D 62 6.80 -14.47 31.68
N ARG D 63 8.05 -14.24 32.08
CA ARG D 63 8.92 -13.28 31.42
C ARG D 63 10.11 -14.04 30.85
N PHE D 64 10.35 -13.88 29.55
CA PHE D 64 11.48 -14.51 28.88
C PHE D 64 12.10 -13.50 27.92
N SER D 65 13.41 -13.62 27.74
CA SER D 65 14.15 -12.78 26.83
C SER D 65 15.07 -13.65 25.99
N LEU D 66 15.18 -13.33 24.71
CA LEU D 66 16.11 -13.98 23.80
C LEU D 66 17.21 -13.00 23.47
N ALA D 67 18.45 -13.39 23.70
CA ALA D 67 19.60 -12.62 23.27
C ALA D 67 20.04 -13.15 21.91
N LEU D 68 20.00 -12.30 20.89
CA LEU D 68 20.41 -12.65 19.53
C LEU D 68 21.80 -12.06 19.35
N TYR D 69 22.84 -12.87 19.52
CA TYR D 69 24.16 -12.28 19.70
C TYR D 69 25.06 -12.42 18.48
N ASN D 70 24.52 -12.83 17.33
CA ASN D 70 25.23 -12.71 16.05
C ASN D 70 24.69 -11.46 15.36
N ASN D 71 25.40 -10.35 15.53
CA ASN D 71 24.91 -9.05 15.09
C ASN D 71 25.22 -8.73 13.64
N GLN D 72 25.82 -9.65 12.88
CA GLN D 72 25.96 -9.42 11.44
C GLN D 72 24.62 -9.51 10.73
N TYR D 73 23.64 -10.21 11.32
CA TYR D 73 22.29 -10.30 10.80
C TYR D 73 21.32 -9.40 11.55
N ALA D 74 21.79 -8.27 12.07
CA ALA D 74 20.98 -7.45 12.96
C ALA D 74 19.73 -6.92 12.26
N GLU D 75 19.85 -6.58 10.98
CA GLU D 75 18.72 -5.98 10.26
C GLU D 75 17.57 -6.97 10.13
N LYS D 76 17.85 -8.16 9.61
CA LYS D 76 16.78 -9.14 9.43
C LYS D 76 16.24 -9.61 10.77
N GLN D 77 17.11 -9.69 11.79
CA GLN D 77 16.67 -9.96 13.15
C GLN D 77 15.53 -9.03 13.54
N ILE D 78 15.74 -7.72 13.40
CA ILE D 78 14.73 -6.76 13.82
C ILE D 78 13.48 -6.88 12.94
N ARG D 79 13.67 -7.13 11.64
CA ARG D 79 12.52 -7.29 10.76
C ARG D 79 11.79 -8.60 11.04
N GLU D 80 12.52 -9.68 11.31
CA GLU D 80 11.89 -10.94 11.67
C GLU D 80 11.18 -10.84 13.01
N THR D 81 11.69 -10.00 13.93
CA THR D 81 11.01 -9.78 15.19
C THR D 81 9.68 -9.05 14.98
N ILE D 82 9.66 -8.07 14.06
CA ILE D 82 8.40 -7.39 13.75
C ILE D 82 7.39 -8.38 13.18
N ASP D 83 7.84 -9.26 12.28
CA ASP D 83 6.96 -10.30 11.74
C ASP D 83 6.38 -11.16 12.86
N PHE D 84 7.21 -11.54 13.84
CA PHE D 84 6.70 -12.28 14.97
C PHE D 84 5.68 -11.46 15.75
N PHE D 85 5.97 -10.19 15.99
CA PHE D 85 5.00 -9.32 16.67
C PHE D 85 3.70 -9.24 15.88
N HIS D 86 3.79 -9.23 14.55
CA HIS D 86 2.58 -9.24 13.73
C HIS D 86 1.78 -10.52 13.93
N GLN D 87 2.47 -11.65 14.11
CA GLN D 87 1.78 -12.90 14.39
C GLN D 87 1.06 -12.83 15.73
N VAL D 88 1.72 -12.25 16.75
CA VAL D 88 1.09 -12.05 18.05
C VAL D 88 -0.17 -11.19 17.89
N GLU D 89 -0.12 -10.20 17.00
CA GLU D 89 -1.30 -9.38 16.70
C GLU D 89 -2.38 -10.14 15.95
N GLY D 90 -2.13 -11.38 15.55
CA GLY D 90 -3.17 -12.16 14.90
C GLY D 90 -4.43 -12.29 15.75
N ARG D 91 -4.27 -12.26 17.07
CA ARG D 91 -5.40 -12.22 17.97
C ARG D 91 -6.12 -10.89 17.84
N THR D 92 -7.44 -10.93 17.68
CA THR D 92 -8.20 -9.70 17.44
C THR D 92 -8.10 -8.73 18.62
N GLU D 93 -8.23 -9.25 19.85
CA GLU D 93 -8.23 -8.38 21.02
C GLU D 93 -6.85 -7.80 21.33
N VAL D 94 -5.79 -8.30 20.69
CA VAL D 94 -4.45 -7.76 20.89
C VAL D 94 -4.23 -6.61 19.92
N LYS D 95 -3.73 -5.49 20.44
CA LYS D 95 -3.33 -4.37 19.60
C LYS D 95 -1.96 -3.88 20.05
N LEU D 96 -1.04 -3.77 19.10
CA LEU D 96 0.31 -3.30 19.37
C LEU D 96 0.53 -2.00 18.62
N ASN D 97 1.23 -1.06 19.26
CA ASN D 97 1.48 0.25 18.69
C ASN D 97 2.97 0.38 18.44
N TYR D 98 3.36 0.56 17.18
CA TYR D 98 4.76 0.57 16.78
C TYR D 98 5.32 1.98 16.61
N GLN D 99 4.59 3.01 17.08
CA GLN D 99 4.95 4.38 16.75
C GLN D 99 6.28 4.77 17.38
N GLN D 100 6.50 4.38 18.63
CA GLN D 100 7.77 4.70 19.29
C GLN D 100 8.95 4.10 18.53
N LEU D 101 8.87 2.81 18.20
CA LEU D 101 9.94 2.16 17.46
C LEU D 101 10.10 2.77 16.07
N GLN D 102 8.98 2.98 15.37
CA GLN D 102 9.05 3.58 14.03
C GLN D 102 9.70 4.96 14.09
N HIS D 103 9.42 5.72 15.15
CA HIS D 103 9.93 7.08 15.26
C HIS D 103 11.40 7.09 15.68
N PHE D 104 11.85 6.05 16.40
CA PHE D 104 13.26 5.94 16.74
C PHE D 104 14.09 5.49 15.55
N LEU D 105 13.61 4.49 14.81
CA LEU D 105 14.36 4.01 13.66
C LEU D 105 14.41 5.06 12.55
N GLY D 106 13.29 5.76 12.33
CA GLY D 106 13.26 6.81 11.32
C GLY D 106 13.54 6.26 9.94
N ALA D 107 14.09 7.12 9.08
CA ALA D 107 14.42 6.73 7.72
C ALA D 107 15.88 6.33 7.55
N ASP D 108 16.78 6.86 8.37
CA ASP D 108 18.21 6.69 8.18
C ASP D 108 18.88 5.94 9.34
N PHE D 109 18.24 4.87 9.82
CA PHE D 109 18.82 4.10 10.90
C PHE D 109 19.97 3.23 10.38
N ASP D 110 21.12 3.35 11.04
CA ASP D 110 22.33 2.62 10.62
C ASP D 110 22.40 1.30 11.39
N PHE D 111 21.89 0.23 10.77
CA PHE D 111 21.88 -1.07 11.42
C PHE D 111 23.27 -1.64 11.64
N SER D 112 24.30 -1.06 11.01
CA SER D 112 25.67 -1.50 11.25
C SER D 112 26.16 -1.12 12.65
N LYS D 113 25.45 -0.26 13.37
CA LYS D 113 25.86 0.13 14.70
C LYS D 113 25.25 -0.74 15.80
N VAL D 114 24.44 -1.73 15.44
CA VAL D 114 23.84 -2.61 16.43
C VAL D 114 24.83 -3.70 16.81
N ILE D 115 25.04 -3.89 18.11
CA ILE D 115 25.92 -4.95 18.57
C ILE D 115 25.17 -6.15 19.11
N ARG D 116 23.88 -6.00 19.42
CA ARG D 116 23.05 -7.08 19.93
C ARG D 116 21.60 -6.67 19.88
N ASN D 117 20.72 -7.62 19.57
CA ASN D 117 19.27 -7.45 19.67
C ASN D 117 18.72 -8.44 20.68
N LEU D 118 17.68 -8.03 21.40
CA LEU D 118 17.00 -8.90 22.34
C LEU D 118 15.51 -8.81 22.15
N VAL D 119 14.82 -9.95 22.29
CA VAL D 119 13.39 -10.04 22.10
C VAL D 119 12.79 -10.65 23.35
N GLY D 120 11.73 -10.03 23.88
CA GLY D 120 11.20 -10.41 25.17
C GLY D 120 9.69 -10.50 25.18
N VAL D 121 9.19 -11.16 26.21
CA VAL D 121 7.76 -11.34 26.42
C VAL D 121 7.50 -11.34 27.92
N ASP D 122 6.37 -10.73 28.32
CA ASP D 122 5.90 -10.74 29.71
C ASP D 122 4.42 -11.07 29.64
N ALA D 123 4.09 -12.36 29.70
CA ALA D 123 2.72 -12.82 29.54
C ALA D 123 1.98 -12.71 30.87
N ARG D 124 0.76 -12.18 30.82
CA ARG D 124 -0.05 -11.98 32.02
C ARG D 124 -1.41 -12.62 31.84
N ARG D 125 -2.01 -12.99 32.98
CA ARG D 125 -3.39 -13.47 32.96
C ARG D 125 -4.32 -12.40 32.43
N GLU D 126 -4.16 -11.17 32.91
CA GLU D 126 -4.83 -10.01 32.33
C GLU D 126 -4.18 -9.71 30.98
N LEU D 127 -4.84 -10.14 29.89
CA LEU D 127 -4.22 -10.08 28.58
C LEU D 127 -3.84 -8.66 28.18
N ALA D 128 -4.61 -7.66 28.62
CA ALA D 128 -4.27 -6.28 28.31
C ALA D 128 -2.93 -5.88 28.89
N ASP D 129 -2.50 -6.54 29.97
CA ASP D 129 -1.25 -6.20 30.65
C ASP D 129 -0.03 -6.89 30.06
N SER D 130 -0.22 -7.92 29.22
CA SER D 130 0.90 -8.61 28.62
C SER D 130 1.66 -7.69 27.66
N ARG D 131 2.93 -8.00 27.43
CA ARG D 131 3.77 -7.24 26.53
C ARG D 131 4.68 -8.17 25.73
N VAL D 132 5.05 -7.71 24.54
CA VAL D 132 6.28 -8.15 23.90
C VAL D 132 7.24 -6.97 23.94
N LYS D 133 8.53 -7.28 23.79
CA LYS D 133 9.58 -6.29 23.97
C LYS D 133 10.65 -6.48 22.90
N LEU D 134 11.22 -5.36 22.47
CA LEU D 134 12.40 -5.35 21.60
C LEU D 134 13.44 -4.46 22.24
N TYR D 135 14.67 -4.95 22.34
CA TYR D 135 15.80 -4.18 22.82
C TYR D 135 16.87 -4.14 21.74
N ILE D 136 17.33 -2.93 21.42
CA ILE D 136 18.37 -2.72 20.42
C ILE D 136 19.60 -2.17 21.14
N TRP D 137 20.67 -2.98 21.17
CA TRP D 137 21.93 -2.57 21.77
C TRP D 137 22.84 -2.00 20.69
N MET D 138 23.38 -0.81 20.94
CA MET D 138 24.13 -0.05 19.95
C MET D 138 25.46 0.43 20.51
N ASN D 139 26.41 0.64 19.59
CA ASN D 139 27.73 1.17 19.92
C ASN D 139 28.10 2.23 18.89
N ASP D 140 28.66 3.33 19.37
CA ASP D 140 29.19 4.41 18.53
C ASP D 140 28.12 4.93 17.57
N TYR D 141 26.96 5.26 18.12
CA TYR D 141 25.84 5.84 17.37
C TYR D 141 25.37 7.10 18.05
N PRO D 142 26.21 8.14 18.10
CA PRO D 142 25.86 9.31 18.93
C PRO D 142 24.61 10.03 18.47
N GLU D 143 24.21 9.88 17.21
CA GLU D 143 22.98 10.52 16.74
C GLU D 143 21.76 9.88 17.36
N LYS D 144 21.69 8.55 17.37
CA LYS D 144 20.58 7.85 18.01
C LYS D 144 20.70 7.85 19.52
N MET D 145 21.91 8.06 20.05
CA MET D 145 22.08 8.15 21.49
C MET D 145 21.48 9.45 22.01
N ALA D 146 21.74 10.57 21.33
CA ALA D 146 21.09 11.82 21.70
C ALA D 146 19.59 11.73 21.54
N THR D 147 19.12 11.05 20.48
CA THR D 147 17.68 10.87 20.30
C THR D 147 17.08 10.06 21.45
N ALA D 148 17.73 8.95 21.81
CA ALA D 148 17.28 8.17 22.96
C ALA D 148 17.41 8.95 24.27
N MET D 149 18.41 9.82 24.36
CA MET D 149 18.59 10.63 25.56
C MET D 149 17.40 11.58 25.77
N ALA D 150 16.94 12.22 24.69
CA ALA D 150 15.87 13.20 24.82
C ALA D 150 14.55 12.54 25.22
N TRP D 151 14.26 11.37 24.66
CA TRP D 151 12.96 10.74 24.91
C TRP D 151 12.91 10.09 26.28
N CYS D 152 14.00 9.49 26.74
CA CYS D 152 13.98 8.61 27.90
C CYS D 152 14.52 9.25 29.17
N ASP D 153 15.48 10.17 29.08
CA ASP D 153 16.08 10.76 30.27
C ASP D 153 15.18 11.90 30.73
N ASP D 154 14.28 11.60 31.68
CA ASP D 154 13.33 12.60 32.16
C ASP D 154 14.04 13.73 32.89
N LYS D 155 14.95 13.39 33.80
CA LYS D 155 15.71 14.38 34.55
C LYS D 155 17.09 14.64 33.96
N LYS D 156 17.42 14.04 32.82
CA LYS D 156 18.73 14.18 32.19
C LYS D 156 19.86 13.83 33.16
N GLU D 157 19.95 12.54 33.45
CA GLU D 157 20.83 12.04 34.50
C GLU D 157 21.97 11.16 34.03
N LEU D 158 21.82 10.44 32.91
CA LEU D 158 22.90 9.59 32.42
C LEU D 158 23.85 10.32 31.49
N SER D 159 23.57 11.57 31.14
CA SER D 159 24.45 12.29 30.22
C SER D 159 25.83 12.52 30.81
N THR D 160 25.97 12.41 32.14
CA THR D 160 27.26 12.55 32.79
C THR D 160 27.90 11.20 33.10
N LEU D 161 27.27 10.09 32.72
CA LEU D 161 27.77 8.77 33.03
C LEU D 161 28.16 7.98 31.79
N ILE D 162 28.24 8.62 30.63
CA ILE D 162 28.56 7.94 29.38
C ILE D 162 30.08 7.77 29.34
N VAL D 163 30.56 6.58 29.71
CA VAL D 163 31.98 6.27 29.69
C VAL D 163 32.39 5.59 28.39
N ASN D 164 31.52 4.76 27.85
CA ASN D 164 31.70 4.11 26.57
C ASN D 164 30.67 4.64 25.58
N GLN D 165 30.76 4.17 24.34
CA GLN D 165 29.82 4.56 23.30
C GLN D 165 28.64 3.59 23.19
N GLU D 166 28.45 2.72 24.18
CA GLU D 166 27.41 1.71 24.15
C GLU D 166 26.15 2.21 24.86
N PHE D 167 25.01 1.84 24.31
CA PHE D 167 23.75 2.14 24.97
C PHE D 167 22.68 1.19 24.45
N LEU D 168 21.74 0.87 25.34
CA LEU D 168 20.65 -0.05 25.06
C LEU D 168 19.34 0.72 25.11
N VAL D 169 18.48 0.50 24.10
CA VAL D 169 17.16 1.12 24.02
C VAL D 169 16.12 0.02 23.98
N GLY D 170 15.20 0.03 24.93
CA GLY D 170 14.16 -0.99 25.03
C GLY D 170 12.80 -0.41 24.68
N PHE D 171 12.02 -1.16 23.89
CA PHE D 171 10.68 -0.78 23.50
C PHE D 171 9.69 -1.79 24.08
N ASP D 172 8.70 -1.29 24.82
CA ASP D 172 7.63 -2.10 25.37
C ASP D 172 6.37 -1.95 24.50
N PHE D 173 5.75 -3.07 24.17
CA PHE D 173 4.48 -3.08 23.43
C PHE D 173 3.44 -3.84 24.24
N TYR D 174 2.56 -3.12 24.93
CA TYR D 174 1.48 -3.75 25.67
C TYR D 174 0.39 -4.24 24.72
N PHE D 175 -0.35 -5.27 25.15
CA PHE D 175 -1.32 -5.90 24.26
C PHE D 175 -2.60 -5.09 24.13
N ASP D 176 -2.71 -3.97 24.83
CA ASP D 176 -3.82 -3.04 24.65
C ASP D 176 -3.38 -1.73 24.03
N GLY D 177 -2.17 -1.69 23.46
CA GLY D 177 -1.69 -0.56 22.71
C GLY D 177 -0.75 0.37 23.46
N ARG D 178 -0.71 0.30 24.80
CA ARG D 178 0.23 1.14 25.53
C ARG D 178 1.65 0.83 25.10
N THR D 179 2.53 1.83 25.24
CA THR D 179 3.92 1.71 24.83
C THR D 179 4.80 2.46 25.80
N ALA D 180 6.08 2.08 25.82
CA ALA D 180 7.09 2.74 26.64
C ALA D 180 8.45 2.50 26.00
N ILE D 181 9.36 3.46 26.17
CA ILE D 181 10.71 3.36 25.67
C ILE D 181 11.68 3.66 26.81
N GLU D 182 12.73 2.85 26.91
CA GLU D 182 13.70 2.94 27.99
C GLU D 182 15.10 2.94 27.41
N LEU D 183 15.99 3.71 28.04
CA LEU D 183 17.41 3.73 27.69
C LEU D 183 18.21 3.17 28.85
N TYR D 184 19.14 2.26 28.56
CA TYR D 184 20.01 1.68 29.57
C TYR D 184 21.47 1.90 29.17
N ILE D 185 22.26 2.45 30.10
CA ILE D 185 23.70 2.55 29.93
C ILE D 185 24.36 1.57 30.89
N SER D 186 25.59 1.17 30.57
CA SER D 186 26.27 0.12 31.32
C SER D 186 27.63 0.57 31.78
N LEU D 187 27.97 0.21 33.02
CA LEU D 187 29.31 0.41 33.58
C LEU D 187 29.82 -0.93 34.10
N SER D 188 30.96 -1.38 33.57
CA SER D 188 31.58 -2.61 34.03
C SER D 188 32.41 -2.34 35.29
N SER D 189 32.79 -3.43 35.97
CA SER D 189 33.54 -3.30 37.21
C SER D 189 34.88 -2.61 37.00
N GLU D 190 35.50 -2.85 35.84
CA GLU D 190 36.74 -2.14 35.53
C GLU D 190 36.48 -0.66 35.27
N GLU D 191 35.26 -0.32 34.85
CA GLU D 191 34.92 1.07 34.56
C GLU D 191 34.59 1.84 35.82
N PHE D 192 33.67 1.32 36.64
CA PHE D 192 33.25 2.08 37.81
C PHE D 192 34.22 1.99 38.98
N GLN D 193 35.24 1.14 38.90
CA GLN D 193 36.31 1.18 39.88
C GLN D 193 37.32 2.28 39.59
N GLN D 194 37.22 2.94 38.44
CA GLN D 194 38.04 4.10 38.15
C GLN D 194 37.59 5.28 38.99
N THR D 195 38.54 6.14 39.36
CA THR D 195 38.23 7.27 40.23
C THR D 195 37.42 8.34 39.49
N GLN D 196 37.77 8.61 38.23
CA GLN D 196 37.04 9.62 37.47
C GLN D 196 35.60 9.18 37.19
N VAL D 197 35.39 7.88 37.01
CA VAL D 197 34.05 7.38 36.71
C VAL D 197 33.19 7.34 37.97
N TRP D 198 33.74 6.78 39.06
CA TRP D 198 32.99 6.62 40.29
C TRP D 198 32.47 7.95 40.81
N GLU D 199 33.31 8.99 40.80
CA GLU D 199 32.89 10.28 41.34
C GLU D 199 31.73 10.86 40.54
N ARG D 200 31.73 10.66 39.23
CA ARG D 200 30.58 11.08 38.43
C ARG D 200 29.34 10.25 38.76
N LEU D 201 29.53 8.98 39.15
CA LEU D 201 28.43 8.14 39.59
C LEU D 201 27.82 8.66 40.89
N ALA D 202 28.68 9.04 41.86
CA ALA D 202 28.19 9.41 43.18
C ALA D 202 27.26 10.61 43.13
N LYS D 203 27.42 11.48 42.13
CA LYS D 203 26.55 12.63 41.99
C LYS D 203 25.20 12.28 41.35
N VAL D 204 25.05 11.09 40.79
CA VAL D 204 23.83 10.68 40.10
C VAL D 204 23.02 9.69 40.93
N VAL D 205 23.59 8.51 41.20
CA VAL D 205 22.88 7.45 41.90
C VAL D 205 23.03 7.66 43.41
N CYS D 206 21.97 7.35 44.14
CA CYS D 206 21.97 7.55 45.59
C CYS D 206 22.92 6.56 46.27
N ALA D 207 23.24 6.87 47.52
CA ALA D 207 24.26 6.09 48.25
C ALA D 207 23.88 4.62 48.45
N PRO D 208 22.69 4.27 48.94
CA PRO D 208 22.41 2.82 49.13
C PRO D 208 22.31 2.06 47.81
N ALA D 209 21.98 2.72 46.71
CA ALA D 209 22.02 2.03 45.42
C ALA D 209 23.44 2.01 44.84
N LEU D 210 24.26 3.00 45.18
CA LEU D 210 25.64 3.01 44.71
C LEU D 210 26.49 1.99 45.45
N ARG D 211 26.20 1.75 46.74
CA ARG D 211 26.99 0.80 47.51
C ARG D 211 26.79 -0.63 47.02
N LEU D 212 25.61 -0.95 46.49
CA LEU D 212 25.35 -2.28 45.95
C LEU D 212 26.14 -2.57 44.68
N VAL D 213 26.66 -1.52 44.03
CA VAL D 213 27.41 -1.71 42.79
C VAL D 213 28.66 -2.55 43.03
N ASN D 214 29.26 -2.45 44.22
CA ASN D 214 30.51 -3.16 44.50
C ASN D 214 30.32 -4.67 44.61
N ASP D 215 29.09 -5.16 44.63
CA ASP D 215 28.81 -6.60 44.67
C ASP D 215 28.59 -7.19 43.29
N CYS D 216 28.96 -6.46 42.23
CA CYS D 216 28.57 -6.82 40.87
C CYS D 216 29.77 -6.84 39.93
N GLN D 217 29.65 -7.69 38.90
CA GLN D 217 30.56 -7.68 37.77
C GLN D 217 30.35 -6.45 36.88
N ALA D 218 29.12 -5.93 36.87
CA ALA D 218 28.73 -4.82 36.03
C ALA D 218 27.39 -4.32 36.53
N ILE D 219 27.05 -3.09 36.15
CA ILE D 219 25.73 -2.54 36.41
C ILE D 219 25.19 -1.93 35.13
N GLN D 220 23.87 -1.79 35.10
CA GLN D 220 23.19 -0.97 34.13
C GLN D 220 22.24 -0.06 34.87
N ILE D 221 21.97 1.10 34.29
CA ILE D 221 21.00 2.04 34.82
C ILE D 221 19.97 2.30 33.72
N GLY D 222 18.69 2.21 34.09
CA GLY D 222 17.61 2.37 33.15
C GLY D 222 16.79 3.60 33.50
N VAL D 223 16.54 4.43 32.49
CA VAL D 223 15.70 5.62 32.63
C VAL D 223 14.56 5.53 31.63
N SER D 224 13.39 6.02 32.03
CA SER D 224 12.20 5.96 31.19
C SER D 224 11.15 6.87 31.78
N ARG D 225 10.35 7.46 30.89
CA ARG D 225 9.20 8.24 31.34
C ARG D 225 8.21 7.39 32.12
N ALA D 226 8.24 6.07 31.94
CA ALA D 226 7.33 5.16 32.62
C ALA D 226 7.83 4.66 33.96
N ASN D 227 9.11 4.87 34.28
CA ASN D 227 9.67 4.49 35.57
C ASN D 227 9.45 5.60 36.60
N ASP D 228 9.16 5.20 37.84
CA ASP D 228 9.07 6.18 38.92
C ASP D 228 10.42 6.74 39.31
N SER D 229 11.51 6.02 39.03
CA SER D 229 12.85 6.49 39.33
C SER D 229 13.82 5.75 38.42
N LYS D 230 15.10 6.01 38.60
CA LYS D 230 16.12 5.24 37.90
C LYS D 230 16.05 3.78 38.34
N ILE D 231 16.29 2.86 37.42
CA ILE D 231 16.22 1.43 37.68
C ILE D 231 17.63 0.87 37.65
N MET D 232 18.06 0.31 38.80
CA MET D 232 19.41 -0.21 38.97
C MET D 232 19.42 -1.67 38.51
N TYR D 233 20.35 -2.02 37.60
CA TYR D 233 20.48 -3.38 37.12
C TYR D 233 21.79 -3.96 37.64
N TYR D 234 21.70 -4.94 38.55
CA TYR D 234 22.85 -5.49 39.25
C TYR D 234 23.21 -6.84 38.63
N HIS D 235 24.37 -6.89 37.97
CA HIS D 235 24.89 -8.15 37.41
C HIS D 235 25.72 -8.79 38.50
N THR D 236 25.08 -9.67 39.27
CA THR D 236 25.64 -10.12 40.55
C THR D 236 26.88 -11.01 40.36
N LEU D 237 27.87 -10.79 41.22
CA LEU D 237 29.03 -11.69 41.28
C LEU D 237 28.65 -13.00 41.95
N ASN D 238 28.00 -12.93 43.11
CA ASN D 238 27.52 -14.11 43.83
C ASN D 238 26.00 -14.02 43.97
N PRO D 239 25.25 -14.75 43.14
CA PRO D 239 23.78 -14.61 43.18
C PRO D 239 23.17 -14.92 44.53
N ASN D 240 23.71 -15.91 45.25
CA ASN D 240 23.08 -16.32 46.50
C ASN D 240 23.21 -15.27 47.59
N SER D 241 24.37 -14.62 47.69
CA SER D 241 24.57 -13.62 48.73
C SER D 241 23.89 -12.30 48.38
N PHE D 242 23.75 -11.99 47.10
CA PHE D 242 23.04 -10.77 46.72
C PHE D 242 21.57 -10.86 47.09
N ILE D 243 20.94 -12.01 46.83
CA ILE D 243 19.53 -12.17 47.13
C ILE D 243 19.29 -12.13 48.63
N ASP D 244 20.22 -12.72 49.40
CA ASP D 244 20.05 -12.76 50.85
C ASP D 244 20.14 -11.38 51.47
N ASN D 245 21.03 -10.52 50.95
CA ASN D 245 21.18 -9.18 51.49
C ASN D 245 20.03 -8.26 51.13
N LEU D 246 19.09 -8.73 50.30
CA LEU D 246 17.95 -7.89 49.95
C LEU D 246 16.92 -7.82 51.07
N GLY D 247 16.77 -8.89 51.84
CA GLY D 247 15.73 -8.96 52.85
C GLY D 247 14.33 -9.11 52.29
N ASN D 248 14.20 -9.43 51.00
CA ASN D 248 12.91 -9.56 50.36
C ASN D 248 12.46 -11.02 50.42
N GLU D 249 11.30 -11.26 51.05
CA GLU D 249 10.81 -12.62 51.18
C GLU D 249 10.46 -13.23 49.83
N MET D 250 9.80 -12.46 48.96
CA MET D 250 9.41 -12.98 47.66
C MET D 250 10.63 -13.31 46.80
N ALA D 251 11.67 -12.49 46.88
CA ALA D 251 12.88 -12.77 46.12
C ALA D 251 13.57 -14.04 46.61
N SER D 252 13.68 -14.19 47.93
CA SER D 252 14.26 -15.41 48.49
C SER D 252 13.46 -16.63 48.07
N ARG D 253 12.14 -16.49 47.93
CA ARG D 253 11.30 -17.64 47.61
C ARG D 253 11.45 -18.06 46.14
N VAL D 254 11.57 -17.11 45.22
CA VAL D 254 11.73 -17.50 43.83
C VAL D 254 13.16 -17.97 43.57
N HIS D 255 14.14 -17.32 44.21
CA HIS D 255 15.52 -17.76 44.05
C HIS D 255 15.72 -19.18 44.57
N ALA D 256 14.80 -19.69 45.40
CA ALA D 256 14.94 -21.03 45.93
C ALA D 256 14.91 -22.09 44.84
N TYR D 257 14.29 -21.80 43.70
CA TYR D 257 14.27 -22.78 42.62
C TYR D 257 15.53 -22.75 41.77
N TYR D 258 16.30 -21.66 41.83
CA TYR D 258 17.52 -21.53 41.05
C TYR D 258 18.77 -21.49 41.93
N ARG D 259 18.60 -21.57 43.25
CA ARG D 259 19.72 -21.45 44.17
C ARG D 259 20.79 -22.49 43.88
N HIS D 260 20.38 -23.74 43.67
CA HIS D 260 21.28 -24.86 43.50
C HIS D 260 21.20 -25.42 42.08
N GLN D 261 21.01 -24.55 41.11
CA GLN D 261 21.04 -24.92 39.71
C GLN D 261 22.20 -24.20 39.02
N PRO D 262 22.75 -24.77 37.95
CA PRO D 262 23.88 -24.11 37.30
C PRO D 262 23.44 -22.88 36.52
N VAL D 263 23.03 -21.84 37.25
CA VAL D 263 22.74 -20.56 36.62
C VAL D 263 24.04 -19.93 36.14
N ARG D 264 24.02 -19.42 34.91
CA ARG D 264 25.20 -18.75 34.37
C ARG D 264 25.31 -17.33 34.91
N SER D 265 24.18 -16.63 35.05
CA SER D 265 24.22 -15.29 35.62
C SER D 265 22.85 -14.95 36.18
N LEU D 266 22.85 -14.13 37.23
CA LEU D 266 21.63 -13.58 37.80
C LEU D 266 21.75 -12.06 37.79
N VAL D 267 20.80 -11.40 37.12
CA VAL D 267 20.69 -9.95 37.16
C VAL D 267 19.47 -9.62 38.02
N VAL D 268 19.63 -8.67 38.93
CA VAL D 268 18.53 -8.16 39.76
C VAL D 268 18.36 -6.68 39.45
N CYS D 269 17.16 -6.27 39.07
CA CYS D 269 16.92 -4.85 38.85
C CYS D 269 16.00 -4.34 39.95
N ILE D 270 16.39 -3.22 40.56
CA ILE D 270 15.64 -2.61 41.65
C ILE D 270 15.45 -1.13 41.33
N PRO D 271 14.24 -0.60 41.48
CA PRO D 271 14.07 0.84 41.42
C PRO D 271 14.89 1.53 42.50
N GLU D 272 15.54 2.62 42.12
CA GLU D 272 16.33 3.40 43.08
C GLU D 272 15.48 3.84 44.27
N GLN D 273 14.19 4.09 44.05
CA GLN D 273 13.30 4.47 45.14
C GLN D 273 13.13 3.36 46.16
N GLU D 274 13.19 2.10 45.73
CA GLU D 274 12.99 0.99 46.66
C GLU D 274 14.17 0.84 47.61
N LEU D 275 15.38 1.21 47.17
CA LEU D 275 16.56 1.01 47.98
C LEU D 275 16.71 2.06 49.08
N THR D 276 16.07 3.22 48.93
CA THR D 276 16.03 4.23 49.98
C THR D 276 14.78 4.13 50.84
N ALA D 277 14.04 3.03 50.75
CA ALA D 277 12.84 2.81 51.54
C ALA D 277 13.16 1.92 52.73
N ARG D 278 12.16 1.69 53.58
CA ARG D 278 12.33 0.82 54.74
C ARG D 278 12.37 -0.65 54.38
N SER D 279 12.06 -1.01 53.14
CA SER D 279 12.07 -2.37 52.66
C SER D 279 11.85 -2.35 51.15
N ILE D 280 12.42 -3.35 50.46
CA ILE D 280 12.29 -3.45 49.01
C ILE D 280 11.01 -4.21 48.68
N GLN D 281 10.15 -3.60 47.85
CA GLN D 281 8.89 -4.19 47.47
C GLN D 281 8.74 -4.50 45.98
N ARG D 282 9.56 -3.91 45.12
CA ARG D 282 9.52 -4.20 43.69
C ARG D 282 10.92 -4.51 43.18
N LEU D 283 11.02 -5.53 42.33
CA LEU D 283 12.29 -5.89 41.70
C LEU D 283 12.00 -6.93 40.62
N ASN D 284 12.95 -7.07 39.70
CA ASN D 284 12.92 -8.17 38.73
C ASN D 284 14.19 -8.98 38.90
N MET D 285 14.08 -10.27 38.62
CA MET D 285 15.22 -11.18 38.65
C MET D 285 15.28 -11.93 37.32
N TYR D 286 16.43 -11.88 36.66
CA TYR D 286 16.63 -12.48 35.35
C TYR D 286 17.72 -13.54 35.48
N TYR D 287 17.41 -14.77 35.06
CA TYR D 287 18.33 -15.89 35.09
C TYR D 287 18.72 -16.28 33.68
N CYS D 288 20.00 -16.44 33.43
CA CYS D 288 20.49 -17.06 32.20
C CYS D 288 21.17 -18.38 32.52
N MET D 289 20.69 -19.45 31.89
CA MET D 289 21.35 -20.74 31.92
C MET D 289 22.10 -21.02 30.62
N ASN D 290 22.13 -20.04 29.71
CA ASN D 290 22.57 -20.11 28.30
C ASN D 290 21.39 -20.32 27.35
#